data_3LG3
#
_entry.id   3LG3
#
_cell.length_a   94.163
_cell.length_b   115.133
_cell.length_c   174.835
_cell.angle_alpha   90.00
_cell.angle_beta   90.00
_cell.angle_gamma   90.00
#
_symmetry.space_group_name_H-M   'C 2 2 21'
#
loop_
_entity.id
_entity.type
_entity.pdbx_description
1 polymer 'Isocitrate lyase'
2 water water
#
_entity_poly.entity_id   1
_entity_poly.type   'polypeptide(L)'
_entity_poly.pdbx_seq_one_letter_code
;(MSE)TISRTQQIQQLEQEWTSPRWKNITRPYSAEDVIKLRGSVNPECTFAQNGAKKLWELLHGGSRKGYINCLGALTGG
QALQQAKAGVEAIY(MSE)SGWQVAADANTASS(MSE)YPDQSLYPVDSVPAVVKRINNSFRRADQIQWSNNIEPGSKGY
TDYFLPIVADAEAGFGGVLNAFEL(MSE)KA(MSE)IEAGAAGVHFEDQLAAVKKCGH(MSE)GGKVLVPTQEAIQKLVA
ARLAADVLGVPTLLIARTDADAADLLTSDCDPYDREFITGDRTAEGFFRTRAGIEQAISRGLAYAPYADLVWCETSTPDL
ALAKRFADAVHAQFPGKLLAYNCSPSFNWKKNLTDQQIASFQDELSA(MSE)GYKYQFITLAGIHS(MSE)WFN(MSE)F
DLAHAYAQGEG(MSE)KHYVEKVQQPEFASVDRGYTFASHQQEVGTGYFDKVTNIIQGGASSVTALTGSTEEQQF
;
_entity_poly.pdbx_strand_id   A,B
#
# COMPACT_ATOMS: atom_id res chain seq x y z
N MSE A 1 -39.73 8.60 -0.69
CA MSE A 1 -40.15 7.22 -0.90
C MSE A 1 -38.98 6.26 -0.72
O MSE A 1 -37.92 6.46 -1.29
CB MSE A 1 -40.74 7.05 -2.30
CG MSE A 1 -41.96 7.92 -2.58
SE MSE A 1 -43.61 7.18 -1.86
CE MSE A 1 -43.97 5.83 -3.22
N THR A 2 -39.19 5.23 0.10
CA THR A 2 -38.15 4.22 0.30
C THR A 2 -37.88 3.46 -0.99
N ILE A 3 -36.62 3.14 -1.23
CA ILE A 3 -36.21 2.42 -2.43
C ILE A 3 -35.82 0.99 -2.09
N SER A 4 -36.60 0.04 -2.60
CA SER A 4 -36.36 -1.37 -2.32
C SER A 4 -35.17 -1.89 -3.10
N ARG A 5 -34.69 -3.06 -2.69
CA ARG A 5 -33.61 -3.73 -3.40
C ARG A 5 -33.95 -3.98 -4.86
N THR A 6 -35.17 -4.44 -5.11
CA THR A 6 -35.63 -4.66 -6.48
C THR A 6 -35.62 -3.36 -7.27
N GLN A 7 -36.05 -2.28 -6.63
CA GLN A 7 -36.02 -0.97 -7.27
C GLN A 7 -34.59 -0.50 -7.57
N GLN A 8 -33.65 -0.81 -6.68
CA GLN A 8 -32.25 -0.44 -6.92
C GLN A 8 -31.72 -1.15 -8.16
N ILE A 9 -32.06 -2.42 -8.32
CA ILE A 9 -31.63 -3.18 -9.48
C ILE A 9 -32.25 -2.60 -10.76
N GLN A 10 -33.54 -2.32 -10.71
CA GLN A 10 -34.25 -1.74 -11.85
C GLN A 10 -33.66 -0.39 -12.26
N GLN A 11 -33.35 0.44 -11.25
CA GLN A 11 -32.83 1.77 -11.53
C GLN A 11 -31.45 1.69 -12.16
N LEU A 12 -30.67 0.71 -11.74
CA LEU A 12 -29.34 0.51 -12.29
C LEU A 12 -29.45 0.02 -13.74
N GLU A 13 -30.33 -0.94 -13.98
CA GLU A 13 -30.57 -1.42 -15.35
C GLU A 13 -30.98 -0.25 -16.24
N GLN A 14 -31.88 0.59 -15.75
CA GLN A 14 -32.31 1.76 -16.50
C GLN A 14 -31.14 2.71 -16.79
N GLU A 15 -30.31 2.97 -15.78
CA GLU A 15 -29.21 3.90 -15.97
C GLU A 15 -28.25 3.43 -17.04
N TRP A 16 -28.09 2.11 -17.16
CA TRP A 16 -27.14 1.56 -18.13
C TRP A 16 -27.63 1.69 -19.57
N THR A 17 -28.87 2.14 -19.75
CA THR A 17 -29.39 2.38 -21.10
C THR A 17 -29.21 3.84 -21.53
N SER A 18 -28.64 4.66 -20.65
CA SER A 18 -28.49 6.09 -20.95
C SER A 18 -27.28 6.36 -21.84
N PRO A 19 -27.23 7.54 -22.47
CA PRO A 19 -26.11 7.91 -23.35
C PRO A 19 -24.75 7.79 -22.68
N ARG A 20 -24.67 8.02 -21.37
CA ARG A 20 -23.40 7.90 -20.66
C ARG A 20 -22.75 6.54 -20.88
N TRP A 21 -23.57 5.50 -21.05
CA TRP A 21 -23.06 4.13 -21.08
C TRP A 21 -23.06 3.48 -22.45
N LYS A 22 -23.29 4.29 -23.48
CA LYS A 22 -23.27 3.79 -24.85
C LYS A 22 -21.93 3.09 -25.12
N ASN A 23 -21.97 1.91 -25.72
CA ASN A 23 -20.77 1.19 -26.14
C ASN A 23 -19.90 0.63 -25.00
N ILE A 24 -20.42 0.64 -23.79
CA ILE A 24 -19.65 0.13 -22.65
C ILE A 24 -20.08 -1.27 -22.24
N THR A 25 -19.11 -2.17 -22.16
CA THR A 25 -19.36 -3.55 -21.80
C THR A 25 -19.18 -3.78 -20.31
N ARG A 26 -20.16 -4.48 -19.73
CA ARG A 26 -20.11 -4.95 -18.34
C ARG A 26 -20.42 -6.44 -18.33
N PRO A 27 -19.45 -7.25 -17.89
CA PRO A 27 -19.60 -8.71 -17.84
C PRO A 27 -20.18 -9.19 -16.52
N TYR A 28 -21.03 -8.37 -15.92
CA TYR A 28 -21.76 -8.74 -14.72
C TYR A 28 -23.12 -8.08 -14.76
N SER A 29 -24.01 -8.50 -13.87
CA SER A 29 -25.39 -8.01 -13.88
C SER A 29 -25.64 -6.89 -12.88
N ALA A 30 -26.73 -6.16 -13.09
CA ALA A 30 -27.17 -5.16 -12.13
C ALA A 30 -27.44 -5.82 -10.78
N GLU A 31 -28.02 -7.02 -10.80
CA GLU A 31 -28.29 -7.75 -9.57
C GLU A 31 -27.01 -8.00 -8.76
N ASP A 32 -25.92 -8.36 -9.46
CA ASP A 32 -24.62 -8.59 -8.85
C ASP A 32 -24.09 -7.33 -8.21
N VAL A 33 -24.25 -6.20 -8.90
CA VAL A 33 -23.77 -4.93 -8.35
C VAL A 33 -24.50 -4.60 -7.04
N ILE A 34 -25.83 -4.73 -7.05
CA ILE A 34 -26.61 -4.39 -5.87
C ILE A 34 -26.29 -5.33 -4.71
N LYS A 35 -26.00 -6.59 -5.03
CA LYS A 35 -25.60 -7.59 -4.01
C LYS A 35 -24.40 -7.13 -3.17
N LEU A 36 -23.53 -6.30 -3.76
CA LEU A 36 -22.30 -5.86 -3.10
C LEU A 36 -22.44 -4.50 -2.42
N ARG A 37 -23.59 -3.86 -2.57
CA ARG A 37 -23.72 -2.46 -2.19
C ARG A 37 -23.96 -2.20 -0.70
N GLY A 38 -24.48 -3.20 0.01
CA GLY A 38 -24.93 -3.00 1.38
C GLY A 38 -26.29 -2.29 1.41
N SER A 39 -26.85 -2.11 2.60
CA SER A 39 -28.17 -1.50 2.72
C SER A 39 -28.08 0.02 2.79
N VAL A 40 -26.87 0.51 3.07
CA VAL A 40 -26.60 1.93 3.12
C VAL A 40 -25.38 2.22 2.25
N ASN A 41 -25.55 3.11 1.29
CA ASN A 41 -24.52 3.45 0.33
C ASN A 41 -24.22 4.93 0.48
N PRO A 42 -23.20 5.26 1.28
CA PRO A 42 -22.95 6.66 1.60
C PRO A 42 -22.65 7.46 0.34
N GLU A 43 -23.18 8.67 0.30
CA GLU A 43 -23.05 9.52 -0.86
C GLU A 43 -21.63 10.07 -1.01
N CYS A 44 -21.19 10.20 -2.25
CA CYS A 44 -19.86 10.71 -2.60
C CYS A 44 -20.06 11.94 -3.48
N THR A 45 -20.41 13.05 -2.84
CA THR A 45 -20.82 14.25 -3.56
C THR A 45 -19.75 14.78 -4.53
N PHE A 46 -18.52 14.94 -4.07
CA PHE A 46 -17.47 15.46 -4.94
C PHE A 46 -17.24 14.56 -6.15
N ALA A 47 -17.27 13.25 -5.94
CA ALA A 47 -17.09 12.30 -7.06
C ALA A 47 -18.23 12.36 -8.06
N GLN A 48 -19.47 12.48 -7.57
CA GLN A 48 -20.64 12.57 -8.45
C GLN A 48 -20.52 13.83 -9.30
N ASN A 49 -20.27 14.96 -8.65
CA ASN A 49 -20.18 16.23 -9.36
C ASN A 49 -19.02 16.22 -10.37
N GLY A 50 -17.86 15.71 -9.93
CA GLY A 50 -16.68 15.66 -10.77
C GLY A 50 -16.90 14.81 -12.01
N ALA A 51 -17.47 13.62 -11.82
CA ALA A 51 -17.71 12.72 -12.94
C ALA A 51 -18.67 13.32 -13.98
N LYS A 52 -19.71 13.99 -13.50
N LYS A 52 -19.73 13.98 -13.49
CA LYS A 52 -20.68 14.59 -14.40
CA LYS A 52 -20.70 14.62 -14.37
C LYS A 52 -20.07 15.77 -15.18
C LYS A 52 -20.06 15.74 -15.17
N LYS A 53 -19.29 16.59 -14.49
CA LYS A 53 -18.62 17.72 -15.10
C LYS A 53 -17.58 17.26 -16.12
N LEU A 54 -16.81 16.23 -15.77
CA LEU A 54 -15.79 15.73 -16.67
C LEU A 54 -16.42 15.20 -17.97
N TRP A 55 -17.53 14.49 -17.84
CA TRP A 55 -18.24 13.98 -19.01
C TRP A 55 -18.68 15.14 -19.90
N GLU A 56 -19.21 16.19 -19.28
CA GLU A 56 -19.64 17.37 -20.05
C GLU A 56 -18.46 18.02 -20.77
N LEU A 57 -17.34 18.19 -20.07
CA LEU A 57 -16.15 18.80 -20.65
C LEU A 57 -15.64 17.99 -21.85
N LEU A 58 -15.71 16.67 -21.72
CA LEU A 58 -15.21 15.76 -22.76
C LEU A 58 -16.06 15.75 -24.02
N HIS A 59 -17.30 16.24 -23.91
CA HIS A 59 -18.24 16.19 -25.02
C HIS A 59 -18.77 17.56 -25.43
N GLY A 60 -17.88 18.55 -25.50
CA GLY A 60 -18.23 19.85 -26.06
C GLY A 60 -18.24 21.00 -25.05
N GLY A 61 -18.08 20.69 -23.78
CA GLY A 61 -18.19 21.71 -22.74
C GLY A 61 -16.90 22.45 -22.45
N SER A 62 -15.79 21.97 -22.99
CA SER A 62 -14.49 22.60 -22.74
C SER A 62 -14.31 23.86 -23.59
N ARG A 63 -13.44 24.76 -23.14
CA ARG A 63 -13.22 26.01 -23.85
C ARG A 63 -12.51 25.86 -25.19
N LYS A 64 -11.61 24.88 -25.30
CA LYS A 64 -10.79 24.74 -26.50
C LYS A 64 -11.15 23.54 -27.36
N GLY A 65 -12.12 22.75 -26.92
CA GLY A 65 -12.48 21.53 -27.62
C GLY A 65 -11.69 20.31 -27.16
N TYR A 66 -10.75 20.54 -26.25
CA TYR A 66 -10.02 19.49 -25.56
C TYR A 66 -9.68 20.02 -24.18
N ILE A 67 -9.43 19.10 -23.25
CA ILE A 67 -9.04 19.44 -21.89
C ILE A 67 -7.55 19.25 -21.76
N ASN A 68 -6.82 20.31 -21.41
CA ASN A 68 -5.39 20.17 -21.16
C ASN A 68 -5.01 20.40 -19.69
N CYS A 69 -4.19 19.50 -19.16
CA CYS A 69 -3.94 19.45 -17.72
C CYS A 69 -2.47 19.46 -17.37
N LEU A 70 -2.21 19.67 -16.08
CA LEU A 70 -0.87 19.79 -15.53
C LEU A 70 -0.87 19.08 -14.18
N GLY A 71 0.01 18.11 -14.00
CA GLY A 71 0.01 17.34 -12.76
C GLY A 71 0.16 18.21 -11.53
N ALA A 72 -0.73 18.03 -10.55
CA ALA A 72 -0.71 18.82 -9.32
C ALA A 72 -0.40 17.92 -8.15
N LEU A 73 0.51 18.34 -7.27
CA LEU A 73 0.80 17.49 -6.10
C LEU A 73 0.44 18.13 -4.75
N THR A 74 -0.15 19.33 -4.78
CA THR A 74 -0.76 19.89 -3.56
C THR A 74 -2.11 20.49 -3.88
N GLY A 75 -2.96 20.61 -2.87
CA GLY A 75 -4.25 21.25 -3.05
C GLY A 75 -4.10 22.68 -3.53
N GLY A 76 -3.11 23.37 -2.97
CA GLY A 76 -2.83 24.75 -3.37
C GLY A 76 -2.42 24.90 -4.82
N GLN A 77 -1.62 23.95 -5.33
CA GLN A 77 -1.29 23.97 -6.76
C GLN A 77 -2.55 23.84 -7.59
N ALA A 78 -3.42 22.91 -7.22
CA ALA A 78 -4.67 22.69 -7.94
C ALA A 78 -5.54 23.95 -7.89
N LEU A 79 -5.59 24.58 -6.72
CA LEU A 79 -6.34 25.82 -6.55
C LEU A 79 -5.85 26.90 -7.51
N GLN A 80 -4.54 27.06 -7.65
CA GLN A 80 -4.01 28.08 -8.55
C GLN A 80 -4.32 27.75 -10.01
N GLN A 81 -4.32 26.47 -10.35
CA GLN A 81 -4.73 26.05 -11.68
C GLN A 81 -6.18 26.47 -11.96
N ALA A 82 -7.07 26.26 -10.97
CA ALA A 82 -8.45 26.68 -11.13
C ALA A 82 -8.56 28.19 -11.31
N LYS A 83 -7.85 28.94 -10.48
CA LYS A 83 -7.85 30.39 -10.59
C LYS A 83 -7.36 30.84 -11.98
N ALA A 84 -6.44 30.06 -12.54
CA ALA A 84 -5.80 30.38 -13.83
C ALA A 84 -6.62 30.00 -15.08
N GLY A 85 -7.67 29.18 -14.90
CA GLY A 85 -8.53 28.85 -16.00
C GLY A 85 -8.40 27.42 -16.52
N VAL A 86 -7.58 26.61 -15.87
CA VAL A 86 -7.49 25.19 -16.20
C VAL A 86 -8.81 24.52 -15.83
N GLU A 87 -9.25 23.54 -16.63
CA GLU A 87 -10.60 22.98 -16.46
C GLU A 87 -10.68 21.64 -15.73
N ALA A 88 -9.54 20.97 -15.57
CA ALA A 88 -9.50 19.70 -14.84
C ALA A 88 -8.11 19.52 -14.26
N ILE A 89 -8.02 18.74 -13.19
CA ILE A 89 -6.75 18.47 -12.54
C ILE A 89 -6.26 17.08 -12.93
N TYR A 90 -4.99 16.99 -13.32
CA TYR A 90 -4.34 15.70 -13.45
C TYR A 90 -3.56 15.37 -12.16
N MSE A 91 -3.76 14.16 -11.67
CA MSE A 91 -3.16 13.71 -10.42
C MSE A 91 -2.19 12.57 -10.72
O MSE A 91 -2.61 11.44 -10.99
CB MSE A 91 -4.28 13.28 -9.44
CG MSE A 91 -3.82 12.39 -8.29
SE MSE A 91 -2.38 13.12 -7.21
CE MSE A 91 -3.21 14.83 -6.84
N SER A 92 -0.90 12.90 -10.67
CA SER A 92 0.18 12.01 -11.11
C SER A 92 0.73 11.12 -10.00
N GLY A 93 0.79 9.82 -10.25
CA GLY A 93 1.37 8.88 -9.31
C GLY A 93 2.88 9.07 -9.17
N TRP A 94 3.54 9.46 -10.26
CA TRP A 94 4.98 9.75 -10.24
C TRP A 94 5.27 10.89 -9.27
N GLN A 95 4.49 11.97 -9.34
CA GLN A 95 4.70 13.11 -8.44
C GLN A 95 4.42 12.74 -6.98
N VAL A 96 3.40 11.93 -6.76
CA VAL A 96 3.07 11.46 -5.43
C VAL A 96 4.21 10.58 -4.89
N ALA A 97 4.73 9.69 -5.73
CA ALA A 97 5.90 8.90 -5.34
C ALA A 97 7.06 9.80 -4.90
N ALA A 98 7.28 10.88 -5.64
CA ALA A 98 8.45 11.73 -5.43
C ALA A 98 8.33 12.63 -4.20
N ASP A 99 7.13 13.13 -3.93
CA ASP A 99 7.03 14.26 -3.00
C ASP A 99 5.66 14.45 -2.33
N ALA A 100 4.79 13.45 -2.37
CA ALA A 100 3.50 13.59 -1.69
C ALA A 100 2.81 12.28 -1.37
N ASN A 101 3.51 11.36 -0.72
CA ASN A 101 2.90 10.08 -0.37
C ASN A 101 2.82 9.86 1.14
N THR A 102 2.07 8.84 1.54
CA THR A 102 1.83 8.62 2.97
C THR A 102 2.99 7.93 3.70
N ALA A 103 4.03 7.55 2.97
CA ALA A 103 5.27 7.06 3.60
C ALA A 103 6.24 8.20 3.91
N SER A 104 5.84 9.41 3.51
CA SER A 104 6.63 10.61 3.78
C SER A 104 8.05 10.49 3.25
N SER A 105 8.20 9.82 2.11
CA SER A 105 9.50 9.49 1.56
C SER A 105 9.57 9.84 0.09
N MSE A 106 10.78 9.92 -0.44
CA MSE A 106 10.98 10.19 -1.84
C MSE A 106 11.25 8.90 -2.59
O MSE A 106 12.22 8.19 -2.28
CB MSE A 106 12.13 11.16 -2.04
CG MSE A 106 12.37 11.55 -3.50
SE MSE A 106 13.42 13.19 -3.70
CE MSE A 106 15.18 12.52 -3.24
N TYR A 107 10.39 8.59 -3.55
CA TYR A 107 10.49 7.35 -4.29
C TYR A 107 10.45 7.57 -5.80
N PRO A 108 11.13 6.69 -6.56
CA PRO A 108 10.96 6.62 -8.00
C PRO A 108 9.63 5.96 -8.31
N ASP A 109 9.28 5.90 -9.59
CA ASP A 109 7.94 5.52 -10.02
C ASP A 109 7.84 4.00 -10.20
N GLN A 110 7.68 3.28 -9.10
CA GLN A 110 7.61 1.82 -9.16
C GLN A 110 6.59 1.23 -8.16
N SER A 111 5.51 1.95 -7.94
N SER A 111 5.53 1.98 -7.90
CA SER A 111 4.47 1.49 -7.02
CA SER A 111 4.45 1.52 -7.02
C SER A 111 5.07 1.08 -5.68
C SER A 111 4.95 1.15 -5.63
N LEU A 112 5.84 1.99 -5.09
CA LEU A 112 6.49 1.71 -3.81
C LEU A 112 5.77 2.33 -2.62
N TYR A 113 5.00 3.38 -2.87
CA TYR A 113 4.34 4.10 -1.78
C TYR A 113 3.07 3.34 -1.33
N PRO A 114 2.55 3.66 -0.13
CA PRO A 114 1.33 2.95 0.31
C PRO A 114 0.10 3.34 -0.50
N VAL A 115 -0.80 2.37 -0.70
CA VAL A 115 -1.91 2.50 -1.65
C VAL A 115 -2.91 3.63 -1.34
N ASP A 116 -2.89 4.14 -0.10
CA ASP A 116 -3.77 5.25 0.27
C ASP A 116 -3.25 6.63 -0.17
N SER A 117 -2.09 6.66 -0.80
CA SER A 117 -1.40 7.93 -1.09
C SER A 117 -2.11 8.82 -2.10
N VAL A 118 -2.48 8.29 -3.26
CA VAL A 118 -3.11 9.14 -4.25
C VAL A 118 -4.50 9.61 -3.78
N PRO A 119 -5.32 8.71 -3.22
CA PRO A 119 -6.59 9.21 -2.66
C PRO A 119 -6.36 10.34 -1.63
N ALA A 120 -5.30 10.24 -0.83
CA ALA A 120 -5.03 11.27 0.18
C ALA A 120 -4.84 12.64 -0.47
N VAL A 121 -4.13 12.69 -1.59
CA VAL A 121 -3.90 13.99 -2.24
C VAL A 121 -5.14 14.48 -2.98
N VAL A 122 -5.94 13.56 -3.54
CA VAL A 122 -7.22 13.93 -4.15
C VAL A 122 -8.10 14.62 -3.11
N LYS A 123 -8.11 14.08 -1.90
CA LYS A 123 -8.85 14.69 -0.80
C LYS A 123 -8.32 16.09 -0.48
N ARG A 124 -7.00 16.24 -0.43
CA ARG A 124 -6.38 17.54 -0.19
C ARG A 124 -6.87 18.55 -1.22
N ILE A 125 -6.88 18.13 -2.47
CA ILE A 125 -7.28 19.03 -3.56
C ILE A 125 -8.74 19.45 -3.41
N ASN A 126 -9.63 18.50 -3.21
CA ASN A 126 -11.02 18.83 -3.02
C ASN A 126 -11.26 19.74 -1.82
N ASN A 127 -10.45 19.60 -0.77
CA ASN A 127 -10.57 20.50 0.37
C ASN A 127 -10.10 21.92 0.09
N SER A 128 -9.04 22.06 -0.70
CA SER A 128 -8.62 23.39 -1.13
C SER A 128 -9.72 24.06 -1.98
N PHE A 129 -10.27 23.31 -2.94
CA PHE A 129 -11.39 23.79 -3.73
C PHE A 129 -12.56 24.18 -2.83
N ARG A 130 -12.86 23.33 -1.85
CA ARG A 130 -13.99 23.58 -0.96
C ARG A 130 -13.81 24.89 -0.18
N ARG A 131 -12.63 25.13 0.37
CA ARG A 131 -12.40 26.36 1.12
C ARG A 131 -12.50 27.57 0.18
N ALA A 132 -11.91 27.47 -1.01
CA ALA A 132 -11.97 28.58 -1.97
C ALA A 132 -13.41 28.91 -2.33
N ASP A 133 -14.21 27.87 -2.53
CA ASP A 133 -15.62 28.02 -2.84
C ASP A 133 -16.38 28.63 -1.66
N GLN A 134 -16.06 28.20 -0.45
CA GLN A 134 -16.66 28.80 0.75
C GLN A 134 -16.36 30.29 0.83
N ILE A 135 -15.10 30.65 0.56
CA ILE A 135 -14.72 32.06 0.58
C ILE A 135 -15.57 32.84 -0.43
N GLN A 136 -15.65 32.32 -1.65
CA GLN A 136 -16.37 32.97 -2.73
C GLN A 136 -17.85 33.14 -2.40
N TRP A 137 -18.46 32.05 -1.94
CA TRP A 137 -19.87 32.03 -1.58
C TRP A 137 -20.16 33.00 -0.43
N SER A 138 -19.27 33.04 0.55
CA SER A 138 -19.48 33.90 1.72
C SER A 138 -19.52 35.39 1.32
N ASN A 139 -18.91 35.71 0.18
CA ASN A 139 -18.90 37.07 -0.37
C ASN A 139 -19.89 37.27 -1.52
N ASN A 140 -20.75 36.28 -1.71
N ASN A 140 -20.76 36.29 -1.75
CA ASN A 140 -21.79 36.28 -2.76
CA ASN A 140 -21.80 36.42 -2.77
C ASN A 140 -21.25 36.67 -4.14
C ASN A 140 -21.29 36.65 -4.18
N ILE A 141 -20.13 36.07 -4.51
CA ILE A 141 -19.59 36.21 -5.85
C ILE A 141 -20.13 35.08 -6.72
N GLU A 142 -20.90 35.44 -7.74
CA GLU A 142 -21.69 34.44 -8.48
C GLU A 142 -21.18 34.18 -9.89
N PRO A 143 -21.56 33.02 -10.45
CA PRO A 143 -21.14 32.64 -11.81
C PRO A 143 -21.52 33.73 -12.80
N GLY A 144 -20.61 34.05 -13.71
CA GLY A 144 -20.86 35.09 -14.69
C GLY A 144 -20.42 36.47 -14.22
N SER A 145 -20.12 36.59 -12.94
CA SER A 145 -19.66 37.87 -12.40
C SER A 145 -18.14 37.96 -12.49
N LYS A 146 -17.62 39.18 -12.53
CA LYS A 146 -16.18 39.37 -12.58
C LYS A 146 -15.53 38.82 -11.31
N GLY A 147 -14.46 38.07 -11.49
CA GLY A 147 -13.72 37.51 -10.36
C GLY A 147 -14.18 36.11 -9.95
N TYR A 148 -15.30 35.65 -10.52
CA TYR A 148 -15.81 34.32 -10.20
C TYR A 148 -14.94 33.20 -10.76
N THR A 149 -14.75 32.15 -9.96
CA THR A 149 -14.07 30.94 -10.40
C THR A 149 -14.93 29.72 -10.06
N ASP A 150 -15.16 28.82 -11.01
CA ASP A 150 -15.76 27.54 -10.65
C ASP A 150 -14.66 26.64 -10.13
N TYR A 151 -14.52 26.58 -8.81
CA TYR A 151 -13.37 25.94 -8.21
C TYR A 151 -13.33 24.42 -8.30
N PHE A 152 -14.49 23.78 -8.41
CA PHE A 152 -14.53 22.32 -8.34
C PHE A 152 -14.18 21.64 -9.66
N LEU A 153 -12.90 21.69 -10.02
CA LEU A 153 -12.44 21.04 -11.23
C LEU A 153 -12.49 19.52 -11.03
N PRO A 154 -12.92 18.79 -12.07
CA PRO A 154 -12.83 17.32 -12.01
C PRO A 154 -11.37 16.90 -11.87
N ILE A 155 -11.12 15.88 -11.05
CA ILE A 155 -9.77 15.37 -10.84
C ILE A 155 -9.62 13.99 -11.47
N VAL A 156 -8.62 13.83 -12.33
CA VAL A 156 -8.31 12.54 -12.94
C VAL A 156 -7.06 11.98 -12.26
N ALA A 157 -7.18 10.78 -11.69
CA ALA A 157 -6.15 10.24 -10.80
C ALA A 157 -5.52 8.93 -11.27
N ASP A 158 -4.22 8.83 -11.01
CA ASP A 158 -3.38 7.69 -11.36
C ASP A 158 -3.51 6.57 -10.33
N ALA A 159 -4.09 5.44 -10.75
CA ALA A 159 -4.21 4.25 -9.89
C ALA A 159 -3.15 3.18 -10.19
N GLU A 160 -2.11 3.56 -10.93
N GLU A 160 -2.15 3.56 -10.99
CA GLU A 160 -1.04 2.64 -11.30
CA GLU A 160 -1.09 2.64 -11.39
C GLU A 160 -1.66 1.38 -11.94
C GLU A 160 -1.72 1.37 -11.94
N ALA A 161 -1.33 0.20 -11.43
CA ALA A 161 -1.99 -1.04 -11.85
C ALA A 161 -2.82 -1.65 -10.74
N GLY A 162 -3.21 -0.83 -9.77
CA GLY A 162 -4.13 -1.27 -8.73
C GLY A 162 -3.47 -1.93 -7.53
N PHE A 163 -2.15 -1.92 -7.48
CA PHE A 163 -1.42 -2.41 -6.30
C PHE A 163 -1.75 -3.85 -5.90
N GLY A 164 -1.75 -4.75 -6.88
CA GLY A 164 -1.90 -6.16 -6.58
C GLY A 164 -2.88 -6.86 -7.50
N GLY A 165 -3.91 -7.46 -6.90
CA GLY A 165 -4.87 -8.23 -7.65
C GLY A 165 -6.15 -7.46 -7.91
N VAL A 166 -7.16 -8.15 -8.42
CA VAL A 166 -8.41 -7.49 -8.76
C VAL A 166 -9.05 -6.83 -7.53
N LEU A 167 -8.90 -7.43 -6.34
CA LEU A 167 -9.49 -6.82 -5.15
C LEU A 167 -8.75 -5.56 -4.71
N ASN A 168 -7.43 -5.54 -4.89
CA ASN A 168 -6.68 -4.32 -4.63
C ASN A 168 -7.14 -3.19 -5.54
N ALA A 169 -7.37 -3.51 -6.82
CA ALA A 169 -7.88 -2.53 -7.77
C ALA A 169 -9.27 -2.02 -7.39
N PHE A 170 -10.14 -2.97 -7.03
CA PHE A 170 -11.49 -2.67 -6.56
C PHE A 170 -11.45 -1.70 -5.37
N GLU A 171 -10.63 -2.00 -4.38
CA GLU A 171 -10.53 -1.14 -3.19
C GLU A 171 -9.95 0.23 -3.52
N LEU A 172 -8.93 0.27 -4.38
CA LEU A 172 -8.31 1.56 -4.74
C LEU A 172 -9.31 2.42 -5.50
N MSE A 173 -10.06 1.81 -6.40
CA MSE A 173 -11.06 2.58 -7.14
C MSE A 173 -12.07 3.20 -6.17
O MSE A 173 -12.40 4.39 -6.28
CB MSE A 173 -11.79 1.68 -8.14
CG MSE A 173 -12.80 2.44 -9.00
SE MSE A 173 -12.00 3.74 -10.16
CE MSE A 173 -13.40 3.83 -11.49
N LYS A 174 -12.56 2.40 -5.22
CA LYS A 174 -13.47 2.95 -4.21
C LYS A 174 -12.82 4.10 -3.43
N ALA A 175 -11.56 3.94 -3.04
CA ALA A 175 -10.88 5.01 -2.31
C ALA A 175 -10.74 6.30 -3.13
N MSE A 176 -10.49 6.17 -4.43
CA MSE A 176 -10.43 7.33 -5.32
C MSE A 176 -11.77 8.07 -5.33
O MSE A 176 -11.82 9.30 -5.24
CB MSE A 176 -10.13 6.88 -6.75
CG MSE A 176 -8.73 6.30 -6.92
SE MSE A 176 -7.31 7.60 -6.65
CE MSE A 176 -5.97 6.62 -7.66
N ILE A 177 -12.84 7.31 -5.46
CA ILE A 177 -14.18 7.86 -5.54
C ILE A 177 -14.56 8.52 -4.22
N GLU A 178 -14.27 7.85 -3.12
CA GLU A 178 -14.58 8.44 -1.82
C GLU A 178 -13.82 9.74 -1.58
N ALA A 179 -12.59 9.82 -2.09
CA ALA A 179 -11.79 11.03 -1.98
C ALA A 179 -12.32 12.13 -2.90
N GLY A 180 -13.10 11.76 -3.91
CA GLY A 180 -13.67 12.74 -4.82
C GLY A 180 -13.07 12.82 -6.21
N ALA A 181 -12.39 11.77 -6.67
CA ALA A 181 -11.87 11.75 -8.04
C ALA A 181 -13.03 11.68 -9.04
N ALA A 182 -12.88 12.35 -10.18
CA ALA A 182 -13.83 12.31 -11.30
C ALA A 182 -13.50 11.22 -12.31
N GLY A 183 -12.23 10.82 -12.37
CA GLY A 183 -11.77 9.85 -13.34
C GLY A 183 -10.55 9.16 -12.77
N VAL A 184 -10.30 7.94 -13.20
CA VAL A 184 -9.18 7.16 -12.68
C VAL A 184 -8.59 6.34 -13.82
N HIS A 185 -7.26 6.26 -13.88
CA HIS A 185 -6.61 5.41 -14.87
C HIS A 185 -5.82 4.21 -14.30
N PHE A 186 -5.87 3.10 -15.04
CA PHE A 186 -5.17 1.86 -14.71
C PHE A 186 -4.32 1.46 -15.91
N GLU A 187 -3.16 0.88 -15.63
CA GLU A 187 -2.25 0.49 -16.71
C GLU A 187 -1.90 -0.99 -16.69
N ASP A 188 -1.35 -1.47 -17.79
CA ASP A 188 -1.17 -2.91 -18.02
C ASP A 188 0.27 -3.37 -17.84
N GLN A 189 1.10 -2.56 -17.18
CA GLN A 189 2.44 -3.01 -16.82
C GLN A 189 2.46 -3.44 -15.37
N LEU A 190 3.46 -4.23 -14.99
CA LEU A 190 3.66 -4.63 -13.60
C LEU A 190 4.95 -4.00 -13.07
N ALA A 191 4.80 -2.88 -12.38
CA ALA A 191 5.95 -2.14 -11.86
C ALA A 191 6.84 -3.01 -10.98
N ALA A 192 6.24 -3.94 -10.26
CA ALA A 192 6.99 -4.75 -9.27
C ALA A 192 8.15 -5.53 -9.89
N VAL A 193 8.04 -5.85 -11.17
CA VAL A 193 9.05 -6.69 -11.81
C VAL A 193 9.77 -5.95 -12.93
N LYS A 194 9.62 -4.63 -12.95
CA LYS A 194 10.33 -3.82 -13.94
C LYS A 194 11.78 -4.26 -13.98
N LYS A 195 12.26 -4.62 -15.17
CA LYS A 195 13.57 -5.23 -15.32
C LYS A 195 14.67 -4.17 -15.34
N CYS A 196 15.64 -4.34 -14.44
CA CYS A 196 16.78 -3.45 -14.37
C CYS A 196 17.80 -3.84 -15.42
N GLY A 197 18.64 -2.88 -15.82
CA GLY A 197 19.68 -3.13 -16.81
C GLY A 197 19.38 -2.51 -18.16
N HIS A 198 20.31 -2.66 -19.09
CA HIS A 198 20.16 -2.08 -20.42
C HIS A 198 19.21 -2.91 -21.29
N MSE A 199 19.07 -4.19 -20.95
CA MSE A 199 18.12 -5.04 -21.64
C MSE A 199 16.89 -5.29 -20.78
O MSE A 199 16.21 -6.31 -20.92
CB MSE A 199 18.77 -6.36 -22.08
CG MSE A 199 19.65 -6.23 -23.30
SE MSE A 199 19.12 -7.47 -24.72
CE MSE A 199 17.29 -6.84 -25.00
N GLY A 200 16.61 -4.35 -19.88
CA GLY A 200 15.42 -4.40 -19.06
C GLY A 200 14.34 -3.48 -19.58
N GLY A 201 13.46 -3.04 -18.69
CA GLY A 201 12.37 -2.17 -19.09
C GLY A 201 11.05 -2.63 -18.49
N LYS A 202 9.95 -2.03 -18.96
CA LYS A 202 8.63 -2.34 -18.44
C LYS A 202 8.16 -3.73 -18.85
N VAL A 203 7.32 -4.33 -18.00
CA VAL A 203 6.81 -5.66 -18.26
C VAL A 203 5.28 -5.61 -18.27
N LEU A 204 4.68 -6.10 -19.35
CA LEU A 204 3.22 -6.15 -19.47
C LEU A 204 2.63 -7.38 -18.81
N VAL A 205 1.37 -7.27 -18.41
CA VAL A 205 0.60 -8.44 -18.01
C VAL A 205 -0.21 -8.89 -19.22
N PRO A 206 -0.73 -10.12 -19.19
CA PRO A 206 -1.59 -10.57 -20.29
C PRO A 206 -2.79 -9.65 -20.46
N THR A 207 -3.25 -9.52 -21.70
CA THR A 207 -4.40 -8.65 -21.98
C THR A 207 -5.59 -9.00 -21.09
N GLN A 208 -5.86 -10.29 -20.91
N GLN A 208 -5.83 -10.30 -20.92
CA GLN A 208 -7.02 -10.72 -20.12
CA GLN A 208 -6.94 -10.79 -20.12
C GLN A 208 -6.91 -10.24 -18.67
C GLN A 208 -6.84 -10.25 -18.69
N GLU A 209 -5.68 -10.16 -18.16
N GLU A 209 -5.64 -10.23 -18.15
CA GLU A 209 -5.47 -9.71 -16.79
CA GLU A 209 -5.44 -9.72 -16.79
C GLU A 209 -5.68 -8.20 -16.67
C GLU A 209 -5.73 -8.22 -16.72
N ALA A 210 -5.24 -7.46 -17.69
CA ALA A 210 -5.48 -6.02 -17.72
C ALA A 210 -6.97 -5.73 -17.84
N ILE A 211 -7.68 -6.49 -18.68
CA ILE A 211 -9.12 -6.32 -18.79
C ILE A 211 -9.80 -6.56 -17.44
N GLN A 212 -9.39 -7.59 -16.71
CA GLN A 212 -10.00 -7.88 -15.40
C GLN A 212 -9.80 -6.74 -14.40
N LYS A 213 -8.68 -6.04 -14.46
CA LYS A 213 -8.49 -4.87 -13.62
C LYS A 213 -9.50 -3.77 -13.96
N LEU A 214 -9.74 -3.56 -15.26
CA LEU A 214 -10.75 -2.59 -15.70
C LEU A 214 -12.15 -2.98 -15.23
N VAL A 215 -12.46 -4.26 -15.29
CA VAL A 215 -13.75 -4.77 -14.81
C VAL A 215 -13.87 -4.53 -13.29
N ALA A 216 -12.80 -4.80 -12.56
CA ALA A 216 -12.78 -4.56 -11.12
C ALA A 216 -13.07 -3.09 -10.80
N ALA A 217 -12.45 -2.19 -11.56
CA ALA A 217 -12.62 -0.76 -11.33
C ALA A 217 -14.04 -0.31 -11.67
N ARG A 218 -14.57 -0.76 -12.80
CA ARG A 218 -15.93 -0.40 -13.16
C ARG A 218 -16.91 -0.95 -12.11
N LEU A 219 -16.66 -2.17 -11.63
CA LEU A 219 -17.53 -2.75 -10.61
C LEU A 219 -17.57 -1.88 -9.36
N ALA A 220 -16.40 -1.47 -8.89
CA ALA A 220 -16.32 -0.59 -7.73
C ALA A 220 -17.17 0.67 -7.92
N ALA A 221 -17.01 1.32 -9.07
CA ALA A 221 -17.77 2.54 -9.36
C ALA A 221 -19.27 2.27 -9.41
N ASP A 222 -19.64 1.15 -10.02
CA ASP A 222 -21.05 0.76 -10.11
C ASP A 222 -21.64 0.49 -8.73
N VAL A 223 -20.88 -0.21 -7.90
CA VAL A 223 -21.34 -0.50 -6.55
C VAL A 223 -21.57 0.80 -5.77
N LEU A 224 -20.64 1.74 -5.88
CA LEU A 224 -20.83 3.03 -5.22
C LEU A 224 -21.89 3.90 -5.88
N GLY A 225 -22.21 3.59 -7.13
CA GLY A 225 -23.23 4.31 -7.88
C GLY A 225 -22.78 5.64 -8.46
N VAL A 226 -21.50 5.72 -8.82
CA VAL A 226 -20.91 6.94 -9.37
C VAL A 226 -20.35 6.65 -10.76
N PRO A 227 -20.72 7.48 -11.76
CA PRO A 227 -20.32 7.26 -13.16
C PRO A 227 -18.91 7.78 -13.46
N THR A 228 -17.97 7.40 -12.59
CA THR A 228 -16.58 7.80 -12.69
C THR A 228 -16.00 7.47 -14.07
N LEU A 229 -15.22 8.40 -14.63
CA LEU A 229 -14.54 8.13 -15.89
C LEU A 229 -13.44 7.09 -15.65
N LEU A 230 -13.39 6.08 -16.51
CA LEU A 230 -12.39 5.03 -16.40
C LEU A 230 -11.47 5.09 -17.62
N ILE A 231 -10.18 5.24 -17.39
CA ILE A 231 -9.20 5.39 -18.45
C ILE A 231 -8.27 4.17 -18.46
N ALA A 232 -8.17 3.53 -19.62
CA ALA A 232 -7.28 2.38 -19.77
C ALA A 232 -5.98 2.81 -20.44
N ARG A 233 -4.90 2.72 -19.68
CA ARG A 233 -3.56 3.00 -20.22
C ARG A 233 -2.88 1.72 -20.67
N THR A 234 -2.28 1.77 -21.85
CA THR A 234 -1.36 0.71 -22.25
C THR A 234 0.08 1.18 -22.29
N ASP A 235 0.97 0.34 -21.80
CA ASP A 235 2.41 0.60 -21.83
C ASP A 235 3.09 -0.19 -22.95
N ALA A 236 2.28 -0.75 -23.85
CA ALA A 236 2.78 -1.65 -24.90
C ALA A 236 3.63 -0.99 -26.00
N ASP A 237 3.64 0.34 -26.04
CA ASP A 237 4.48 1.01 -27.05
C ASP A 237 5.96 0.77 -26.78
N ALA A 238 6.34 0.75 -25.50
CA ALA A 238 7.74 0.63 -25.11
C ALA A 238 8.04 -0.72 -24.44
N ALA A 239 7.05 -1.34 -23.82
CA ALA A 239 7.25 -2.59 -23.11
C ALA A 239 7.45 -3.77 -24.05
N ASP A 240 8.62 -4.40 -23.97
CA ASP A 240 8.93 -5.55 -24.81
C ASP A 240 9.05 -6.82 -23.98
N LEU A 241 8.41 -6.82 -22.82
CA LEU A 241 8.37 -7.97 -21.93
C LEU A 241 6.94 -8.22 -21.49
N LEU A 242 6.62 -9.48 -21.25
CA LEU A 242 5.28 -9.92 -20.90
C LEU A 242 5.39 -11.01 -19.84
N THR A 243 4.60 -10.91 -18.78
CA THR A 243 4.76 -11.83 -17.65
C THR A 243 4.45 -13.28 -18.02
N SER A 244 3.50 -13.48 -18.92
CA SER A 244 2.96 -14.80 -19.20
C SER A 244 2.32 -14.84 -20.60
N ASP A 245 2.39 -16.00 -21.25
CA ASP A 245 1.82 -16.17 -22.59
C ASP A 245 0.44 -16.82 -22.55
N CYS A 246 -0.22 -16.76 -21.40
CA CYS A 246 -1.47 -17.50 -21.21
C CYS A 246 -2.67 -16.97 -22.01
N ASP A 247 -2.58 -15.74 -22.50
CA ASP A 247 -3.67 -15.18 -23.31
C ASP A 247 -3.34 -15.30 -24.79
N PRO A 248 -4.10 -16.11 -25.53
CA PRO A 248 -3.83 -16.31 -26.96
C PRO A 248 -3.86 -15.00 -27.74
N TYR A 249 -4.55 -14.00 -27.21
CA TYR A 249 -4.64 -12.70 -27.85
C TYR A 249 -3.26 -12.03 -28.02
N ASP A 250 -2.34 -12.36 -27.13
CA ASP A 250 -1.01 -11.75 -27.12
C ASP A 250 0.00 -12.51 -27.95
N ARG A 251 -0.38 -13.70 -28.41
CA ARG A 251 0.54 -14.64 -29.06
C ARG A 251 1.31 -14.03 -30.24
N GLU A 252 0.64 -13.21 -31.04
CA GLU A 252 1.26 -12.68 -32.26
C GLU A 252 2.48 -11.80 -31.97
N PHE A 253 2.58 -11.29 -30.74
CA PHE A 253 3.67 -10.38 -30.38
C PHE A 253 4.84 -11.06 -29.68
N ILE A 254 4.65 -12.33 -29.31
CA ILE A 254 5.66 -13.08 -28.59
C ILE A 254 6.75 -13.58 -29.53
N THR A 255 8.02 -13.34 -29.17
CA THR A 255 9.13 -13.67 -30.05
C THR A 255 9.66 -15.07 -29.82
N GLY A 256 9.50 -15.59 -28.61
CA GLY A 256 10.02 -16.89 -28.26
C GLY A 256 11.10 -16.83 -27.20
N ASP A 257 11.82 -15.72 -27.13
CA ASP A 257 12.86 -15.56 -26.11
C ASP A 257 12.25 -15.37 -24.73
N ARG A 258 12.91 -15.92 -23.72
CA ARG A 258 12.48 -15.78 -22.33
C ARG A 258 13.57 -15.10 -21.51
N THR A 259 13.20 -14.45 -20.42
CA THR A 259 14.18 -13.89 -19.51
C THR A 259 14.49 -14.88 -18.40
N ALA A 260 15.48 -14.55 -17.58
CA ALA A 260 15.83 -15.42 -16.45
C ALA A 260 14.64 -15.59 -15.52
N GLU A 261 13.82 -14.54 -15.41
CA GLU A 261 12.63 -14.59 -14.57
C GLU A 261 11.54 -15.45 -15.19
N GLY A 262 11.65 -15.72 -16.49
CA GLY A 262 10.64 -16.49 -17.18
C GLY A 262 9.68 -15.63 -17.99
N PHE A 263 9.97 -14.34 -18.07
CA PHE A 263 9.13 -13.44 -18.87
C PHE A 263 9.31 -13.72 -20.37
N PHE A 264 8.31 -13.36 -21.15
CA PHE A 264 8.37 -13.52 -22.61
C PHE A 264 8.72 -12.20 -23.28
N ARG A 265 9.73 -12.24 -24.14
CA ARG A 265 10.06 -11.08 -24.97
C ARG A 265 8.95 -10.88 -26.00
N THR A 266 8.59 -9.63 -26.26
CA THR A 266 7.58 -9.33 -27.26
C THR A 266 8.07 -8.24 -28.22
N ARG A 267 7.35 -8.05 -29.31
CA ARG A 267 7.65 -6.99 -30.25
C ARG A 267 6.94 -5.71 -29.84
N ALA A 268 7.64 -4.84 -29.14
CA ALA A 268 7.06 -3.58 -28.67
C ALA A 268 6.86 -2.59 -29.82
N GLY A 269 5.94 -1.66 -29.65
CA GLY A 269 5.68 -0.66 -30.66
C GLY A 269 4.21 -0.37 -30.87
N ILE A 270 3.92 0.41 -31.91
CA ILE A 270 2.57 0.89 -32.14
C ILE A 270 1.57 -0.26 -32.36
N GLU A 271 2.02 -1.33 -33.00
CA GLU A 271 1.13 -2.46 -33.25
C GLU A 271 0.69 -3.14 -31.96
N GLN A 272 1.63 -3.40 -31.05
CA GLN A 272 1.28 -3.98 -29.76
C GLN A 272 0.37 -3.03 -28.96
N ALA A 273 0.64 -1.73 -29.02
CA ALA A 273 -0.18 -0.74 -28.33
C ALA A 273 -1.58 -0.72 -28.87
N ILE A 274 -1.70 -0.78 -30.20
CA ILE A 274 -2.99 -0.82 -30.87
C ILE A 274 -3.76 -2.05 -30.40
N SER A 275 -3.07 -3.19 -30.35
N SER A 275 -3.09 -3.20 -30.34
CA SER A 275 -3.70 -4.43 -29.91
CA SER A 275 -3.75 -4.42 -29.91
C SER A 275 -4.32 -4.25 -28.52
C SER A 275 -4.34 -4.26 -28.50
N ARG A 276 -3.57 -3.65 -27.61
CA ARG A 276 -4.03 -3.44 -26.25
C ARG A 276 -5.17 -2.40 -26.22
N GLY A 277 -5.01 -1.31 -26.94
CA GLY A 277 -6.05 -0.28 -26.98
C GLY A 277 -7.39 -0.80 -27.49
N LEU A 278 -7.33 -1.61 -28.53
CA LEU A 278 -8.55 -2.22 -29.07
C LEU A 278 -9.21 -3.15 -28.06
N ALA A 279 -8.38 -3.91 -27.34
CA ALA A 279 -8.89 -4.85 -26.34
C ALA A 279 -9.54 -4.13 -25.16
N TYR A 280 -8.98 -2.99 -24.76
CA TYR A 280 -9.48 -2.28 -23.57
C TYR A 280 -10.67 -1.38 -23.88
N ALA A 281 -10.82 -0.99 -25.15
CA ALA A 281 -11.81 0.01 -25.52
C ALA A 281 -13.23 -0.28 -25.00
N PRO A 282 -13.69 -1.54 -25.10
CA PRO A 282 -15.05 -1.84 -24.59
C PRO A 282 -15.20 -1.70 -23.08
N TYR A 283 -14.09 -1.63 -22.36
CA TYR A 283 -14.10 -1.67 -20.89
C TYR A 283 -13.59 -0.36 -20.27
N ALA A 284 -13.52 0.69 -21.08
CA ALA A 284 -13.05 1.96 -20.56
C ALA A 284 -13.71 3.12 -21.29
N ASP A 285 -13.81 4.27 -20.65
CA ASP A 285 -14.35 5.45 -21.30
C ASP A 285 -13.33 6.16 -22.19
N LEU A 286 -12.06 6.05 -21.83
CA LEU A 286 -10.97 6.56 -22.66
C LEU A 286 -9.86 5.55 -22.74
N VAL A 287 -9.13 5.58 -23.86
N VAL A 287 -9.16 5.52 -23.87
CA VAL A 287 -7.94 4.76 -24.05
CA VAL A 287 -7.93 4.74 -23.96
C VAL A 287 -6.72 5.66 -24.23
C VAL A 287 -6.73 5.65 -24.18
N TRP A 288 -5.59 5.21 -23.69
CA TRP A 288 -4.39 6.02 -23.64
C TRP A 288 -3.17 5.16 -23.95
N CYS A 289 -2.45 5.52 -25.01
CA CYS A 289 -1.19 4.85 -25.33
C CYS A 289 -0.06 5.66 -24.72
N GLU A 290 0.56 5.16 -23.66
CA GLU A 290 1.62 5.92 -23.01
C GLU A 290 2.74 6.15 -24.04
N THR A 291 3.22 7.39 -24.13
N THR A 291 3.18 7.40 -24.12
CA THR A 291 4.26 7.71 -25.10
CA THR A 291 4.10 7.86 -25.14
C THR A 291 5.39 8.51 -24.46
C THR A 291 5.27 8.61 -24.51
N SER A 292 6.62 8.09 -24.72
N SER A 292 6.49 8.17 -24.76
CA SER A 292 7.78 8.83 -24.25
CA SER A 292 7.67 8.85 -24.26
C SER A 292 8.23 9.86 -25.29
C SER A 292 8.20 9.85 -25.28
N THR A 293 7.87 9.64 -26.54
CA THR A 293 8.27 10.53 -27.62
C THR A 293 7.05 11.08 -28.34
N PRO A 294 6.73 12.36 -28.10
N PRO A 294 6.74 12.37 -28.12
CA PRO A 294 5.61 13.00 -28.81
CA PRO A 294 5.62 13.01 -28.82
C PRO A 294 5.79 12.90 -30.32
C PRO A 294 5.80 12.88 -30.32
N ASP A 295 4.80 12.31 -30.98
CA ASP A 295 4.90 12.04 -32.41
C ASP A 295 3.48 12.04 -32.97
N LEU A 296 3.16 13.08 -33.76
CA LEU A 296 1.83 13.22 -34.31
C LEU A 296 1.48 12.07 -35.26
N ALA A 297 2.45 11.62 -36.04
CA ALA A 297 2.21 10.54 -36.99
C ALA A 297 1.79 9.26 -36.27
N LEU A 298 2.50 8.91 -35.21
CA LEU A 298 2.13 7.73 -34.42
C LEU A 298 0.81 7.94 -33.68
N ALA A 299 0.58 9.14 -33.18
CA ALA A 299 -0.70 9.45 -32.54
C ALA A 299 -1.86 9.25 -33.51
N LYS A 300 -1.65 9.63 -34.77
CA LYS A 300 -2.69 9.44 -35.77
C LYS A 300 -2.92 7.97 -36.07
N ARG A 301 -1.84 7.19 -36.15
N ARG A 301 -1.85 7.19 -36.13
CA ARG A 301 -1.97 5.75 -36.38
CA ARG A 301 -1.96 5.76 -36.39
C ARG A 301 -2.80 5.10 -35.28
C ARG A 301 -2.75 5.06 -35.29
N PHE A 302 -2.47 5.41 -34.04
CA PHE A 302 -3.19 4.84 -32.90
C PHE A 302 -4.66 5.21 -32.94
N ALA A 303 -4.95 6.50 -33.15
CA ALA A 303 -6.32 6.99 -33.14
C ALA A 303 -7.12 6.36 -34.28
N ASP A 304 -6.53 6.36 -35.48
CA ASP A 304 -7.20 5.79 -36.64
C ASP A 304 -7.54 4.31 -36.43
N ALA A 305 -6.62 3.56 -35.83
CA ALA A 305 -6.84 2.13 -35.63
C ALA A 305 -7.95 1.89 -34.62
N VAL A 306 -7.95 2.63 -33.52
CA VAL A 306 -9.00 2.50 -32.53
C VAL A 306 -10.34 2.91 -33.13
N HIS A 307 -10.36 4.04 -33.83
CA HIS A 307 -11.62 4.56 -34.38
C HIS A 307 -12.18 3.70 -35.51
N ALA A 308 -11.33 2.91 -36.16
CA ALA A 308 -11.80 2.02 -37.21
C ALA A 308 -12.77 0.98 -36.63
N GLN A 309 -12.57 0.61 -35.37
N GLN A 309 -12.58 0.63 -35.37
CA GLN A 309 -13.44 -0.36 -34.71
CA GLN A 309 -13.41 -0.37 -34.71
C GLN A 309 -14.41 0.33 -33.75
C GLN A 309 -14.33 0.25 -33.65
N PHE A 310 -13.95 1.42 -33.16
CA PHE A 310 -14.74 2.13 -32.15
C PHE A 310 -14.85 3.61 -32.51
N PRO A 311 -15.71 3.93 -33.49
CA PRO A 311 -15.81 5.31 -33.97
C PRO A 311 -16.09 6.29 -32.84
N GLY A 312 -15.39 7.42 -32.84
CA GLY A 312 -15.63 8.45 -31.86
C GLY A 312 -15.06 8.20 -30.46
N LYS A 313 -14.39 7.08 -30.26
CA LYS A 313 -13.84 6.75 -28.95
C LYS A 313 -12.97 7.90 -28.41
N LEU A 314 -13.22 8.30 -27.16
CA LEU A 314 -12.41 9.32 -26.52
C LEU A 314 -11.01 8.78 -26.23
N LEU A 315 -9.99 9.58 -26.53
CA LEU A 315 -8.61 9.19 -26.31
C LEU A 315 -7.89 10.18 -25.38
N ALA A 316 -6.90 9.69 -24.64
CA ALA A 316 -6.06 10.53 -23.80
C ALA A 316 -4.64 10.50 -24.30
N TYR A 317 -3.87 11.55 -24.00
CA TYR A 317 -2.50 11.64 -24.46
C TYR A 317 -1.63 12.33 -23.41
N ASN A 318 -0.50 11.71 -23.06
CA ASN A 318 0.47 12.34 -22.17
C ASN A 318 1.56 13.04 -22.97
N CYS A 319 1.79 14.30 -22.62
CA CYS A 319 2.80 15.13 -23.29
C CYS A 319 4.04 15.17 -22.42
N SER A 320 5.11 14.54 -22.90
CA SER A 320 6.31 14.33 -22.10
C SER A 320 6.96 15.62 -21.63
N PRO A 321 7.24 15.72 -20.32
CA PRO A 321 7.96 16.87 -19.76
C PRO A 321 9.48 16.76 -19.91
N SER A 322 9.99 15.59 -20.32
CA SER A 322 11.43 15.40 -20.42
C SER A 322 11.94 15.40 -21.87
N PHE A 323 11.06 15.08 -22.81
CA PHE A 323 11.38 15.19 -24.23
C PHE A 323 11.88 16.59 -24.53
N ASN A 324 12.97 16.70 -25.28
CA ASN A 324 13.52 18.01 -25.63
C ASN A 324 12.77 18.61 -26.81
N TRP A 325 11.70 19.34 -26.50
CA TRP A 325 10.80 19.89 -27.51
C TRP A 325 11.49 20.79 -28.54
N LYS A 326 12.21 21.80 -28.07
CA LYS A 326 12.85 22.75 -28.99
C LYS A 326 13.90 22.10 -29.89
N LYS A 327 14.57 21.08 -29.38
CA LYS A 327 15.63 20.42 -30.12
C LYS A 327 15.05 19.56 -31.25
N ASN A 328 13.85 19.04 -31.03
CA ASN A 328 13.29 18.04 -31.94
C ASN A 328 12.13 18.52 -32.82
N LEU A 329 11.51 19.62 -32.43
CA LEU A 329 10.38 20.18 -33.16
C LEU A 329 10.57 21.67 -33.37
N THR A 330 9.96 22.22 -34.42
CA THR A 330 9.98 23.66 -34.63
C THR A 330 9.09 24.33 -33.60
N ASP A 331 9.28 25.63 -33.42
CA ASP A 331 8.42 26.38 -32.50
C ASP A 331 6.97 26.30 -32.93
N GLN A 332 6.72 26.33 -34.23
CA GLN A 332 5.37 26.24 -34.76
C GLN A 332 4.73 24.90 -34.40
N GLN A 333 5.48 23.83 -34.58
CA GLN A 333 5.01 22.49 -34.22
C GLN A 333 4.74 22.38 -32.72
N ILE A 334 5.62 22.95 -31.91
CA ILE A 334 5.44 22.92 -30.46
C ILE A 334 4.16 23.64 -30.05
N ALA A 335 3.94 24.83 -30.63
CA ALA A 335 2.78 25.64 -30.29
C ALA A 335 1.46 24.98 -30.70
N SER A 336 1.46 24.24 -31.80
CA SER A 336 0.23 23.65 -32.31
C SER A 336 -0.03 22.20 -31.88
N PHE A 337 0.93 21.61 -31.17
CA PHE A 337 0.88 20.18 -30.85
C PHE A 337 -0.44 19.70 -30.22
N GLN A 338 -0.85 20.32 -29.12
CA GLN A 338 -2.05 19.87 -28.42
C GLN A 338 -3.30 20.08 -29.28
N ASP A 339 -3.32 21.17 -30.04
N ASP A 339 -3.30 21.17 -30.05
CA ASP A 339 -4.41 21.44 -30.96
CA ASP A 339 -4.39 21.48 -30.96
C ASP A 339 -4.52 20.32 -31.99
C ASP A 339 -4.52 20.40 -32.05
N GLU A 340 -3.38 19.93 -32.55
CA GLU A 340 -3.38 18.89 -33.57
C GLU A 340 -3.86 17.55 -33.01
N LEU A 341 -3.41 17.23 -31.80
CA LEU A 341 -3.87 16.03 -31.11
C LEU A 341 -5.38 16.04 -30.90
N SER A 342 -5.91 17.19 -30.55
CA SER A 342 -7.35 17.32 -30.30
C SER A 342 -8.16 16.93 -31.54
N ALA A 343 -7.71 17.36 -32.71
CA ALA A 343 -8.40 17.07 -33.96
C ALA A 343 -8.46 15.57 -34.25
N MSE A 344 -7.51 14.82 -33.67
CA MSE A 344 -7.47 13.37 -33.84
C MSE A 344 -8.32 12.64 -32.83
O MSE A 344 -8.48 11.42 -32.90
CB MSE A 344 -6.04 12.86 -33.72
CG MSE A 344 -5.07 13.53 -34.66
SE MSE A 344 -3.27 12.89 -34.32
CE MSE A 344 -2.34 13.99 -35.63
N GLY A 345 -8.85 13.36 -31.85
CA GLY A 345 -9.73 12.76 -30.86
C GLY A 345 -9.10 12.62 -29.49
N TYR A 346 -7.91 13.18 -29.29
CA TYR A 346 -7.30 13.20 -27.97
C TYR A 346 -7.87 14.36 -27.17
N LYS A 347 -8.92 14.06 -26.40
CA LYS A 347 -9.70 15.08 -25.74
C LYS A 347 -9.28 15.32 -24.29
N TYR A 348 -8.47 14.40 -23.76
CA TYR A 348 -7.88 14.58 -22.45
C TYR A 348 -6.36 14.51 -22.59
N GLN A 349 -5.71 15.64 -22.40
CA GLN A 349 -4.26 15.75 -22.58
C GLN A 349 -3.63 16.31 -21.32
N PHE A 350 -2.39 15.91 -21.05
CA PHE A 350 -1.78 16.31 -19.78
C PHE A 350 -0.27 16.21 -19.79
N ILE A 351 0.37 17.11 -19.03
CA ILE A 351 1.80 17.01 -18.73
C ILE A 351 1.88 16.44 -17.30
N THR A 352 2.27 15.18 -17.20
CA THR A 352 2.20 14.47 -15.92
C THR A 352 2.97 15.17 -14.80
N LEU A 353 4.17 15.66 -15.12
CA LEU A 353 5.09 16.15 -14.09
C LEU A 353 5.20 17.67 -14.06
N ALA A 354 4.22 18.37 -14.62
CA ALA A 354 4.35 19.83 -14.73
C ALA A 354 4.44 20.48 -13.34
N GLY A 355 3.61 20.03 -12.41
CA GLY A 355 3.55 20.65 -11.10
C GLY A 355 4.85 20.50 -10.33
N ILE A 356 5.45 19.32 -10.40
CA ILE A 356 6.68 19.10 -9.66
C ILE A 356 7.85 19.86 -10.28
N HIS A 357 7.94 19.89 -11.61
CA HIS A 357 8.96 20.74 -12.25
C HIS A 357 8.75 22.22 -11.93
N SER A 358 7.51 22.68 -12.02
CA SER A 358 7.18 24.07 -11.66
C SER A 358 7.64 24.39 -10.25
N MSE A 359 7.28 23.54 -9.29
CA MSE A 359 7.63 23.78 -7.90
C MSE A 359 9.14 23.69 -7.66
O MSE A 359 9.74 24.57 -7.05
CB MSE A 359 6.93 22.76 -7.00
CG MSE A 359 7.20 22.95 -5.52
SE MSE A 359 6.73 21.37 -4.51
CE MSE A 359 4.90 21.15 -5.10
N TRP A 360 9.75 22.61 -8.12
CA TRP A 360 11.14 22.33 -7.80
C TRP A 360 12.08 23.31 -8.51
N PHE A 361 11.82 23.59 -9.79
CA PHE A 361 12.68 24.55 -10.48
C PHE A 361 12.63 25.93 -9.83
N ASN A 362 11.43 26.41 -9.54
CA ASN A 362 11.32 27.77 -9.02
C ASN A 362 11.82 27.92 -7.59
N MSE A 363 11.70 26.86 -6.79
CA MSE A 363 12.31 26.87 -5.46
C MSE A 363 13.83 26.98 -5.62
O MSE A 363 14.46 27.79 -4.94
CB MSE A 363 11.96 25.60 -4.68
CG MSE A 363 12.47 25.62 -3.24
SE MSE A 363 11.39 26.72 -2.05
CE MSE A 363 12.31 28.41 -2.28
N PHE A 364 14.40 26.17 -6.50
CA PHE A 364 15.84 26.25 -6.77
C PHE A 364 16.25 27.63 -7.24
N ASP A 365 15.51 28.16 -8.20
CA ASP A 365 15.86 29.42 -8.85
C ASP A 365 15.95 30.55 -7.82
N LEU A 366 14.96 30.64 -6.95
CA LEU A 366 14.98 31.65 -5.90
C LEU A 366 16.08 31.37 -4.88
N ALA A 367 16.17 30.13 -4.41
CA ALA A 367 17.13 29.79 -3.38
C ALA A 367 18.58 30.05 -3.79
N HIS A 368 18.92 29.72 -5.04
CA HIS A 368 20.30 29.86 -5.50
C HIS A 368 20.78 31.32 -5.42
N ALA A 369 19.92 32.24 -5.81
CA ALA A 369 20.27 33.65 -5.77
C ALA A 369 20.27 34.16 -4.33
N TYR A 370 19.21 33.85 -3.61
CA TYR A 370 19.00 34.27 -2.22
C TYR A 370 20.17 33.87 -1.32
N ALA A 371 20.65 32.64 -1.46
CA ALA A 371 21.73 32.12 -0.63
C ALA A 371 23.04 32.91 -0.79
N GLN A 372 23.25 33.54 -1.94
CA GLN A 372 24.51 34.24 -2.20
C GLN A 372 24.58 35.60 -1.53
N GLY A 373 23.42 36.18 -1.24
CA GLY A 373 23.39 37.52 -0.67
C GLY A 373 22.31 38.36 -1.29
N GLU A 374 22.20 39.61 -0.84
CA GLU A 374 21.16 40.53 -1.29
C GLU A 374 19.79 39.85 -1.34
N GLY A 375 19.48 39.09 -0.28
CA GLY A 375 18.35 38.19 -0.30
C GLY A 375 17.04 38.82 -0.73
N MSE A 376 16.73 39.99 -0.16
CA MSE A 376 15.42 40.57 -0.40
C MSE A 376 15.28 41.05 -1.85
O MSE A 376 14.18 41.08 -2.38
CB MSE A 376 15.13 41.71 0.58
CG MSE A 376 15.05 41.27 2.04
SE MSE A 376 14.08 39.59 2.33
CE MSE A 376 12.40 40.02 1.48
N LYS A 377 16.40 41.42 -2.45
CA LYS A 377 16.40 41.83 -3.85
C LYS A 377 15.83 40.71 -4.70
N HIS A 378 16.29 39.50 -4.43
CA HIS A 378 15.90 38.34 -5.21
C HIS A 378 14.45 37.91 -4.95
N TYR A 379 14.01 38.02 -3.70
CA TYR A 379 12.61 37.71 -3.42
C TYR A 379 11.70 38.70 -4.16
N VAL A 380 12.06 39.98 -4.10
CA VAL A 380 11.27 41.02 -4.75
C VAL A 380 11.23 40.83 -6.27
N GLU A 381 12.40 40.57 -6.85
CA GLU A 381 12.50 40.45 -8.30
C GLU A 381 11.85 39.18 -8.85
N LYS A 382 12.02 38.06 -8.14
CA LYS A 382 11.58 36.76 -8.65
C LYS A 382 10.15 36.40 -8.25
N VAL A 383 9.69 36.95 -7.13
CA VAL A 383 8.39 36.55 -6.61
C VAL A 383 7.42 37.73 -6.47
N GLN A 384 7.76 38.69 -5.61
CA GLN A 384 6.78 39.72 -5.26
C GLN A 384 6.34 40.58 -6.45
N GLN A 385 7.30 41.07 -7.23
CA GLN A 385 6.94 41.93 -8.35
C GLN A 385 6.18 41.17 -9.44
N PRO A 386 6.66 39.96 -9.81
CA PRO A 386 5.89 39.17 -10.78
C PRO A 386 4.47 38.88 -10.29
N GLU A 387 4.29 38.62 -9.00
CA GLU A 387 2.94 38.47 -8.46
C GLU A 387 2.08 39.71 -8.70
N PHE A 388 2.60 40.88 -8.35
CA PHE A 388 1.87 42.13 -8.56
C PHE A 388 1.47 42.27 -10.03
N ALA A 389 2.35 41.85 -10.92
CA ALA A 389 2.14 42.01 -12.36
C ALA A 389 1.10 41.03 -12.92
N SER A 390 0.62 40.10 -12.09
CA SER A 390 -0.34 39.09 -12.53
C SER A 390 -1.74 39.34 -12.00
N VAL A 391 -1.94 40.41 -11.26
CA VAL A 391 -3.25 40.70 -10.70
C VAL A 391 -4.32 40.80 -11.79
N ASP A 392 -3.95 41.41 -12.92
N ASP A 392 -3.97 41.42 -12.92
CA ASP A 392 -4.86 41.57 -14.06
CA ASP A 392 -4.93 41.56 -14.02
C ASP A 392 -5.17 40.26 -14.78
C ASP A 392 -5.22 40.23 -14.72
N ARG A 393 -4.41 39.22 -14.46
CA ARG A 393 -4.64 37.88 -15.01
C ARG A 393 -5.56 37.07 -14.11
N GLY A 394 -5.90 37.63 -12.95
CA GLY A 394 -6.75 36.94 -11.99
C GLY A 394 -6.05 36.31 -10.81
N TYR A 395 -4.75 36.57 -10.67
CA TYR A 395 -3.99 36.07 -9.52
C TYR A 395 -4.33 36.87 -8.28
N THR A 396 -4.68 36.17 -7.20
CA THR A 396 -5.17 36.86 -6.02
C THR A 396 -4.30 36.65 -4.78
N PHE A 397 -3.30 35.78 -4.90
CA PHE A 397 -2.54 35.36 -3.70
C PHE A 397 -1.60 36.43 -3.13
N ALA A 398 -1.38 37.54 -3.83
CA ALA A 398 -0.68 38.65 -3.20
C ALA A 398 -1.45 39.06 -1.94
N SER A 399 -2.78 38.90 -2.00
N SER A 399 -2.78 38.93 -2.02
CA SER A 399 -3.63 39.10 -0.84
CA SER A 399 -3.65 39.08 -0.86
C SER A 399 -3.72 37.77 -0.11
C SER A 399 -3.70 37.73 -0.16
N HIS A 400 -2.65 37.43 0.58
CA HIS A 400 -2.43 36.08 1.07
C HIS A 400 -3.37 35.61 2.18
N GLN A 401 -3.77 36.52 3.05
CA GLN A 401 -4.61 36.13 4.18
C GLN A 401 -5.99 35.69 3.70
N GLN A 402 -6.60 36.46 2.79
N GLN A 402 -6.55 36.47 2.78
CA GLN A 402 -7.93 36.08 2.30
CA GLN A 402 -7.86 36.20 2.23
C GLN A 402 -7.88 34.78 1.53
C GLN A 402 -7.90 34.88 1.46
N GLU A 403 -6.80 34.56 0.79
CA GLU A 403 -6.71 33.39 -0.06
C GLU A 403 -6.92 32.08 0.69
N VAL A 404 -6.40 32.02 1.92
CA VAL A 404 -6.42 30.77 2.67
C VAL A 404 -7.59 30.69 3.65
N GLY A 405 -8.45 31.71 3.64
CA GLY A 405 -9.68 31.68 4.39
C GLY A 405 -9.73 32.53 5.66
N THR A 406 -8.82 33.49 5.78
CA THR A 406 -8.81 34.33 6.98
C THR A 406 -10.13 35.09 7.11
N GLY A 407 -10.61 35.62 5.99
CA GLY A 407 -11.88 36.33 5.97
C GLY A 407 -13.05 35.41 6.24
N TYR A 408 -13.00 34.21 5.70
CA TYR A 408 -14.07 33.24 5.92
C TYR A 408 -14.18 32.90 7.42
N PHE A 409 -13.05 32.59 8.04
CA PHE A 409 -13.09 32.23 9.46
C PHE A 409 -13.38 33.42 10.38
N ASP A 410 -13.03 34.63 9.93
CA ASP A 410 -13.47 35.83 10.63
C ASP A 410 -15.00 35.92 10.62
N LYS A 411 -15.63 35.59 9.49
CA LYS A 411 -17.09 35.55 9.43
C LYS A 411 -17.66 34.49 10.39
N VAL A 412 -17.03 33.32 10.44
CA VAL A 412 -17.45 32.26 11.35
C VAL A 412 -17.38 32.78 12.78
N THR A 413 -16.23 33.33 13.14
CA THR A 413 -16.03 33.86 14.48
C THR A 413 -17.11 34.89 14.84
N ASN A 414 -17.37 35.81 13.92
CA ASN A 414 -18.33 36.87 14.16
C ASN A 414 -19.76 36.34 14.37
N ILE A 415 -20.10 35.32 13.60
CA ILE A 415 -21.43 34.70 13.69
C ILE A 415 -21.61 34.01 15.03
N ILE A 416 -20.57 33.29 15.45
CA ILE A 416 -20.56 32.61 16.75
C ILE A 416 -20.70 33.61 17.90
N GLN A 417 -19.92 34.69 17.83
CA GLN A 417 -19.84 35.65 18.92
C GLN A 417 -20.99 36.65 18.94
N GLY A 418 -21.75 36.70 17.84
CA GLY A 418 -22.92 37.56 17.78
C GLY A 418 -22.62 38.95 17.24
N GLY A 419 -23.07 39.98 17.97
CA GLY A 419 -22.82 41.35 17.57
C GLY A 419 -24.01 42.27 17.82
N THR B 2 35.57 9.43 12.45
CA THR B 2 35.86 9.29 11.02
C THR B 2 35.94 7.82 10.61
N ILE B 3 34.98 7.39 9.79
CA ILE B 3 34.96 6.02 9.31
C ILE B 3 34.83 5.99 7.78
N SER B 4 35.95 5.70 7.10
CA SER B 4 35.97 5.64 5.65
C SER B 4 35.08 4.51 5.15
N ARG B 5 34.89 4.41 3.83
CA ARG B 5 34.08 3.33 3.30
C ARG B 5 34.78 1.99 3.46
N THR B 6 36.08 1.97 3.20
CA THR B 6 36.87 0.75 3.39
C THR B 6 36.67 0.24 4.81
N GLN B 7 36.72 1.16 5.77
CA GLN B 7 36.56 0.81 7.18
C GLN B 7 35.17 0.24 7.46
N GLN B 8 34.14 0.91 6.92
CA GLN B 8 32.77 0.44 7.11
C GLN B 8 32.56 -0.94 6.51
N ILE B 9 33.18 -1.18 5.36
CA ILE B 9 33.06 -2.47 4.68
C ILE B 9 33.75 -3.56 5.47
N GLN B 10 34.94 -3.25 5.98
CA GLN B 10 35.69 -4.20 6.80
C GLN B 10 34.93 -4.52 8.08
N GLN B 11 34.35 -3.49 8.70
CA GLN B 11 33.60 -3.65 9.93
C GLN B 11 32.40 -4.59 9.70
N LEU B 12 31.72 -4.41 8.56
CA LEU B 12 30.57 -5.23 8.24
C LEU B 12 31.00 -6.68 7.98
N GLU B 13 32.07 -6.84 7.22
CA GLU B 13 32.59 -8.16 6.92
C GLU B 13 32.96 -8.89 8.21
N GLN B 14 33.50 -8.15 9.17
CA GLN B 14 33.85 -8.72 10.47
C GLN B 14 32.60 -9.14 11.24
N GLU B 15 31.58 -8.30 11.22
CA GLU B 15 30.35 -8.60 11.93
C GLU B 15 29.75 -9.92 11.46
N TRP B 16 29.85 -10.19 10.15
CA TRP B 16 29.30 -11.40 9.57
C TRP B 16 30.02 -12.68 9.99
N THR B 17 31.13 -12.53 10.71
CA THR B 17 31.86 -13.69 11.20
C THR B 17 31.44 -14.05 12.62
N SER B 18 30.54 -13.25 13.20
CA SER B 18 30.12 -13.46 14.58
C SER B 18 29.11 -14.61 14.68
N PRO B 19 28.97 -15.17 15.89
CA PRO B 19 28.03 -16.27 16.16
C PRO B 19 26.62 -16.01 15.61
N ARG B 20 26.18 -14.76 15.62
CA ARG B 20 24.84 -14.42 15.16
C ARG B 20 24.57 -14.89 13.74
N TRP B 21 25.62 -14.94 12.91
CA TRP B 21 25.48 -15.18 11.48
C TRP B 21 25.94 -16.56 11.01
N LYS B 22 26.19 -17.47 11.95
CA LYS B 22 26.48 -18.86 11.60
C LYS B 22 25.43 -19.42 10.65
N ASN B 23 25.90 -20.06 9.58
CA ASN B 23 25.02 -20.77 8.65
C ASN B 23 24.03 -19.91 7.86
N ILE B 24 24.21 -18.60 7.87
CA ILE B 24 23.38 -17.70 7.07
C ILE B 24 24.08 -17.31 5.77
N THR B 25 23.35 -17.47 4.67
CA THR B 25 23.83 -17.17 3.34
C THR B 25 23.38 -15.79 2.89
N ARG B 26 24.33 -15.03 2.36
CA ARG B 26 24.07 -13.74 1.74
C ARG B 26 24.67 -13.75 0.34
N PRO B 27 23.81 -13.64 -0.69
CA PRO B 27 24.25 -13.66 -2.09
C PRO B 27 24.73 -12.29 -2.57
N TYR B 28 25.05 -11.41 -1.64
CA TYR B 28 25.58 -10.09 -1.97
C TYR B 28 26.77 -9.80 -1.06
N SER B 29 27.50 -8.73 -1.36
CA SER B 29 28.73 -8.42 -0.66
C SER B 29 28.56 -7.32 0.38
N ALA B 30 29.52 -7.22 1.30
CA ALA B 30 29.55 -6.14 2.27
C ALA B 30 29.63 -4.80 1.55
N GLU B 31 30.44 -4.76 0.49
CA GLU B 31 30.56 -3.57 -0.34
C GLU B 31 29.19 -3.15 -0.88
N ASP B 32 28.40 -4.12 -1.33
CA ASP B 32 27.05 -3.90 -1.84
C ASP B 32 26.17 -3.24 -0.79
N VAL B 33 26.24 -3.74 0.43
CA VAL B 33 25.44 -3.22 1.53
C VAL B 33 25.80 -1.77 1.86
N ILE B 34 27.09 -1.51 2.01
CA ILE B 34 27.55 -0.16 2.35
C ILE B 34 27.18 0.84 1.23
N LYS B 35 27.18 0.36 -0.01
CA LYS B 35 26.82 1.19 -1.15
C LYS B 35 25.43 1.83 -1.01
N LEU B 36 24.54 1.14 -0.29
CA LEU B 36 23.14 1.55 -0.17
C LEU B 36 22.86 2.32 1.12
N ARG B 37 23.88 2.49 1.96
CA ARG B 37 23.66 2.96 3.32
C ARG B 37 23.55 4.48 3.46
N GLY B 38 24.13 5.23 2.52
CA GLY B 38 24.23 6.67 2.65
C GLY B 38 25.34 7.03 3.61
N SER B 39 25.57 8.33 3.81
CA SER B 39 26.61 8.81 4.71
C SER B 39 26.09 8.98 6.13
N VAL B 40 24.77 8.99 6.28
CA VAL B 40 24.14 9.10 7.59
C VAL B 40 23.15 7.95 7.78
N ASN B 41 23.29 7.21 8.87
CA ASN B 41 22.44 6.05 9.12
C ASN B 41 21.75 6.19 10.47
N PRO B 42 20.51 6.71 10.48
CA PRO B 42 19.81 7.02 11.73
C PRO B 42 19.66 5.77 12.59
N GLU B 43 19.88 5.92 13.89
CA GLU B 43 19.81 4.78 14.81
C GLU B 43 18.37 4.31 15.00
N CYS B 44 18.20 2.99 15.10
CA CYS B 44 16.90 2.37 15.35
C CYS B 44 16.97 1.61 16.67
N THR B 45 16.88 2.36 17.77
CA THR B 45 17.13 1.81 19.10
C THR B 45 16.20 0.65 19.47
N PHE B 46 14.90 0.83 19.29
CA PHE B 46 13.96 -0.24 19.65
C PHE B 46 14.26 -1.54 18.89
N ALA B 47 14.55 -1.42 17.60
CA ALA B 47 14.83 -2.58 16.76
C ALA B 47 16.14 -3.27 17.15
N GLN B 48 17.15 -2.48 17.52
CA GLN B 48 18.41 -3.04 17.98
C GLN B 48 18.19 -3.82 19.27
N ASN B 49 17.52 -3.20 20.23
CA ASN B 49 17.28 -3.86 21.52
C ASN B 49 16.42 -5.11 21.35
N GLY B 50 15.38 -5.01 20.51
CA GLY B 50 14.47 -6.12 20.30
C GLY B 50 15.17 -7.30 19.66
N ALA B 51 15.95 -7.05 18.62
CA ALA B 51 16.63 -8.12 17.90
C ALA B 51 17.62 -8.86 18.80
N LYS B 52 18.34 -8.10 19.62
CA LYS B 52 19.31 -8.69 20.55
C LYS B 52 18.58 -9.56 21.59
N LYS B 53 17.51 -9.02 22.17
CA LYS B 53 16.77 -9.73 23.20
C LYS B 53 16.10 -11.00 22.65
N LEU B 54 15.53 -10.90 21.47
CA LEU B 54 14.91 -12.06 20.84
C LEU B 54 15.94 -13.17 20.58
N TRP B 55 17.12 -12.79 20.10
CA TRP B 55 18.17 -13.77 19.85
C TRP B 55 18.55 -14.48 21.15
N GLU B 56 18.67 -13.71 22.23
CA GLU B 56 18.95 -14.29 23.55
C GLU B 56 17.87 -15.27 24.00
N LEU B 57 16.61 -14.86 23.86
CA LEU B 57 15.48 -15.71 24.25
C LEU B 57 15.48 -17.04 23.49
N LEU B 58 15.88 -17.00 22.22
CA LEU B 58 15.91 -18.17 21.37
C LEU B 58 17.12 -19.08 21.59
N HIS B 59 18.08 -18.59 22.36
CA HIS B 59 19.27 -19.38 22.65
C HIS B 59 19.55 -19.44 24.14
N GLY B 60 18.55 -19.88 24.90
CA GLY B 60 18.72 -20.22 26.30
C GLY B 60 18.06 -19.28 27.29
N GLY B 61 17.50 -18.18 26.77
CA GLY B 61 16.96 -17.15 27.64
C GLY B 61 15.50 -17.31 28.04
N SER B 62 14.71 -18.02 27.23
CA SER B 62 13.30 -18.21 27.55
C SER B 62 13.14 -19.08 28.79
N ARG B 63 12.14 -18.78 29.62
CA ARG B 63 11.91 -19.53 30.84
C ARG B 63 11.61 -21.01 30.59
N LYS B 64 10.81 -21.29 29.58
CA LYS B 64 10.30 -22.64 29.36
C LYS B 64 11.12 -23.44 28.35
N GLY B 65 12.11 -22.81 27.73
CA GLY B 65 12.87 -23.44 26.66
C GLY B 65 12.28 -23.19 25.28
N TYR B 66 11.11 -22.58 25.26
CA TYR B 66 10.50 -22.10 24.02
C TYR B 66 9.77 -20.81 24.34
N ILE B 67 9.55 -19.99 23.31
CA ILE B 67 8.81 -18.75 23.46
C ILE B 67 7.39 -18.98 22.95
N ASN B 68 6.39 -18.66 23.76
CA ASN B 68 5.01 -18.74 23.29
C ASN B 68 4.30 -17.38 23.31
N CYS B 69 3.59 -17.09 22.22
CA CYS B 69 3.05 -15.75 21.98
C CYS B 69 1.56 -15.74 21.64
N LEU B 70 0.98 -14.55 21.70
CA LEU B 70 -0.43 -14.30 21.47
C LEU B 70 -0.51 -13.04 20.64
N GLY B 71 -1.16 -13.11 19.48
CA GLY B 71 -1.24 -11.93 18.62
C GLY B 71 -1.87 -10.74 19.32
N ALA B 72 -1.21 -9.58 19.21
CA ALA B 72 -1.70 -8.35 19.82
C ALA B 72 -2.01 -7.33 18.72
N LEU B 73 -3.14 -6.63 18.83
CA LEU B 73 -3.47 -5.63 17.83
C LEU B 73 -3.61 -4.20 18.35
N THR B 74 -3.35 -3.98 19.65
CA THR B 74 -3.19 -2.62 20.17
C THR B 74 -1.97 -2.56 21.08
N GLY B 75 -1.43 -1.35 21.28
CA GLY B 75 -0.33 -1.19 22.20
C GLY B 75 -0.70 -1.64 23.61
N GLY B 76 -1.91 -1.33 24.03
CA GLY B 76 -2.39 -1.69 25.35
C GLY B 76 -2.49 -3.19 25.56
N GLN B 77 -2.92 -3.93 24.53
CA GLN B 77 -2.92 -5.39 24.63
C GLN B 77 -1.50 -5.90 24.86
N ALA B 78 -0.55 -5.38 24.09
CA ALA B 78 0.83 -5.80 24.22
C ALA B 78 1.36 -5.47 25.62
N LEU B 79 1.01 -4.29 26.12
CA LEU B 79 1.42 -3.88 27.45
C LEU B 79 0.87 -4.84 28.52
N GLN B 80 -0.40 -5.22 28.41
CA GLN B 80 -0.99 -6.15 29.37
C GLN B 80 -0.30 -7.52 29.31
N GLN B 81 0.09 -7.95 28.11
CA GLN B 81 0.86 -9.18 28.00
C GLN B 81 2.18 -9.06 28.77
N ALA B 82 2.86 -7.93 28.63
CA ALA B 82 4.09 -7.70 29.37
C ALA B 82 3.86 -7.72 30.89
N LYS B 83 2.80 -7.06 31.34
CA LYS B 83 2.42 -7.07 32.75
C LYS B 83 2.19 -8.50 33.25
N ALA B 84 1.71 -9.37 32.35
CA ALA B 84 1.31 -10.74 32.67
C ALA B 84 2.48 -11.74 32.62
N GLY B 85 3.64 -11.29 32.15
CA GLY B 85 4.83 -12.13 32.15
C GLY B 85 5.24 -12.69 30.80
N VAL B 86 4.50 -12.34 29.74
CA VAL B 86 4.84 -12.81 28.40
C VAL B 86 6.22 -12.29 27.97
N GLU B 87 6.97 -13.09 27.23
CA GLU B 87 8.35 -12.74 26.87
C GLU B 87 8.54 -12.05 25.50
N ALA B 88 7.57 -12.21 24.61
CA ALA B 88 7.65 -11.62 23.30
C ALA B 88 6.25 -11.38 22.74
N ILE B 89 6.15 -10.44 21.81
CA ILE B 89 4.87 -10.15 21.18
C ILE B 89 4.81 -10.70 19.78
N TYR B 90 3.67 -11.31 19.43
CA TYR B 90 3.40 -11.67 18.04
C TYR B 90 2.46 -10.62 17.44
N MSE B 91 2.82 -10.14 16.25
CA MSE B 91 2.05 -9.11 15.55
C MSE B 91 1.46 -9.71 14.27
O MSE B 91 2.16 -9.94 13.28
CB MSE B 91 2.95 -7.92 15.25
CG MSE B 91 2.47 -6.98 14.15
SE MSE B 91 0.75 -6.19 14.49
CE MSE B 91 1.09 -5.54 16.25
N SER B 92 0.15 -9.95 14.31
CA SER B 92 -0.59 -10.65 13.26
C SER B 92 -1.12 -9.73 12.16
N GLY B 93 -0.84 -10.08 10.91
CA GLY B 93 -1.39 -9.34 9.77
C GLY B 93 -2.89 -9.55 9.60
N TRP B 94 -3.38 -10.74 9.95
CA TRP B 94 -4.80 -11.05 9.88
C TRP B 94 -5.57 -10.10 10.81
N GLN B 95 -5.06 -9.93 12.02
CA GLN B 95 -5.70 -9.05 13.00
C GLN B 95 -5.65 -7.58 12.54
N VAL B 96 -4.53 -7.18 11.95
CA VAL B 96 -4.39 -5.82 11.40
C VAL B 96 -5.41 -5.61 10.26
N ALA B 97 -5.53 -6.60 9.37
CA ALA B 97 -6.52 -6.55 8.30
C ALA B 97 -7.91 -6.36 8.88
N ALA B 98 -8.21 -7.07 9.96
CA ALA B 98 -9.55 -7.09 10.53
C ALA B 98 -9.95 -5.81 11.27
N ASP B 99 -8.99 -5.23 12.02
CA ASP B 99 -9.36 -4.25 13.04
C ASP B 99 -8.27 -3.27 13.46
N ALA B 100 -7.19 -3.15 12.68
CA ALA B 100 -6.13 -2.21 13.04
C ALA B 100 -5.25 -1.79 11.88
N ASN B 101 -5.84 -1.35 10.77
CA ASN B 101 -5.03 -0.93 9.64
C ASN B 101 -5.21 0.55 9.27
N THR B 102 -4.32 1.05 8.43
CA THR B 102 -4.35 2.47 8.10
C THR B 102 -5.42 2.87 7.08
N ALA B 103 -6.16 1.89 6.54
CA ALA B 103 -7.35 2.20 5.75
C ALA B 103 -8.60 2.33 6.63
N SER B 104 -8.43 2.11 7.94
CA SER B 104 -9.52 2.25 8.89
C SER B 104 -10.71 1.38 8.50
N SER B 105 -10.42 0.22 7.93
CA SER B 105 -11.46 -0.64 7.39
C SER B 105 -11.31 -2.07 7.88
N MSE B 106 -12.37 -2.86 7.71
CA MSE B 106 -12.34 -4.27 8.11
C MSE B 106 -12.14 -5.11 6.87
O MSE B 106 -12.95 -5.05 5.94
CB MSE B 106 -13.66 -4.65 8.79
CG MSE B 106 -13.67 -6.11 9.25
SE MSE B 106 -15.00 -6.50 10.62
CE MSE B 106 -16.60 -6.51 9.52
N TYR B 107 -11.05 -5.87 6.83
CA TYR B 107 -10.73 -6.70 5.67
C TYR B 107 -10.45 -8.13 6.06
N PRO B 108 -10.73 -9.07 5.13
CA PRO B 108 -10.22 -10.43 5.27
C PRO B 108 -8.72 -10.47 4.95
N ASP B 109 -8.10 -11.63 5.08
CA ASP B 109 -6.64 -11.75 5.05
C ASP B 109 -6.17 -12.00 3.62
N GLN B 110 -6.17 -10.94 2.82
N GLN B 110 -6.14 -10.94 2.82
CA GLN B 110 -5.75 -11.07 1.42
CA GLN B 110 -5.74 -11.04 1.43
C GLN B 110 -4.92 -9.87 0.97
C GLN B 110 -4.84 -9.90 0.98
N SER B 111 -4.06 -9.40 1.86
N SER B 111 -4.11 -9.32 1.93
CA SER B 111 -3.16 -8.27 1.55
CA SER B 111 -3.15 -8.25 1.64
C SER B 111 -3.91 -7.11 0.92
C SER B 111 -3.82 -7.03 1.01
N LEU B 112 -4.98 -6.66 1.57
CA LEU B 112 -5.78 -5.57 1.05
C LEU B 112 -5.48 -4.21 1.71
N TYR B 113 -4.91 -4.23 2.91
CA TYR B 113 -4.65 -2.98 3.62
C TYR B 113 -3.37 -2.30 3.12
N PRO B 114 -3.20 -1.00 3.43
CA PRO B 114 -1.98 -0.30 2.99
C PRO B 114 -0.73 -0.78 3.73
N VAL B 115 0.39 -0.79 3.01
CA VAL B 115 1.62 -1.44 3.46
C VAL B 115 2.22 -0.87 4.76
N ASP B 116 1.83 0.35 5.13
CA ASP B 116 2.31 0.96 6.37
C ASP B 116 1.58 0.48 7.63
N SER B 117 0.58 -0.39 7.46
CA SER B 117 -0.29 -0.78 8.58
C SER B 117 0.39 -1.52 9.72
N VAL B 118 1.11 -2.59 9.39
CA VAL B 118 1.72 -3.36 10.46
C VAL B 118 2.82 -2.54 11.18
N PRO B 119 3.68 -1.84 10.43
CA PRO B 119 4.64 -0.95 11.11
C PRO B 119 3.95 0.04 12.03
N ALA B 120 2.79 0.57 11.62
CA ALA B 120 2.08 1.53 12.47
C ALA B 120 1.72 0.92 13.82
N VAL B 121 1.29 -0.34 13.84
CA VAL B 121 0.91 -0.94 15.11
C VAL B 121 2.13 -1.34 15.95
N VAL B 122 3.21 -1.75 15.28
CA VAL B 122 4.48 -1.99 15.96
C VAL B 122 4.92 -0.71 16.70
N LYS B 123 4.80 0.44 16.03
CA LYS B 123 5.12 1.73 16.65
C LYS B 123 4.24 1.98 17.89
N ARG B 124 2.94 1.72 17.77
CA ARG B 124 2.00 1.86 18.89
C ARG B 124 2.43 1.02 20.09
N ILE B 125 2.80 -0.23 19.83
CA ILE B 125 3.20 -1.13 20.89
C ILE B 125 4.45 -0.61 21.61
N ASN B 126 5.45 -0.22 20.84
CA ASN B 126 6.68 0.26 21.46
C ASN B 126 6.46 1.53 22.28
N ASN B 127 5.49 2.34 21.85
CA ASN B 127 5.14 3.54 22.62
C ASN B 127 4.41 3.22 23.92
N SER B 128 3.55 2.19 23.91
CA SER B 128 2.92 1.73 25.14
C SER B 128 3.99 1.22 26.11
N PHE B 129 4.90 0.39 25.59
CA PHE B 129 6.03 -0.11 26.38
C PHE B 129 6.84 1.07 26.95
N ARG B 130 7.11 2.05 26.10
CA ARG B 130 7.91 3.19 26.51
C ARG B 130 7.27 3.96 27.66
N ARG B 131 5.97 4.21 27.56
CA ARG B 131 5.30 4.94 28.63
C ARG B 131 5.27 4.15 29.94
N ALA B 132 4.98 2.86 29.85
CA ALA B 132 4.97 1.99 31.03
C ALA B 132 6.34 2.04 31.73
N ASP B 133 7.40 2.00 30.93
CA ASP B 133 8.74 2.10 31.50
C ASP B 133 9.03 3.48 32.09
N GLN B 134 8.58 4.55 31.41
CA GLN B 134 8.74 5.90 31.96
C GLN B 134 8.03 6.01 33.32
N ILE B 135 6.85 5.42 33.41
CA ILE B 135 6.10 5.43 34.66
C ILE B 135 6.90 4.79 35.80
N GLN B 136 7.40 3.58 35.58
CA GLN B 136 8.13 2.90 36.65
C GLN B 136 9.42 3.65 37.02
N TRP B 137 10.13 4.11 36.00
CA TRP B 137 11.39 4.82 36.22
C TRP B 137 11.15 6.11 37.02
N SER B 138 10.05 6.80 36.73
CA SER B 138 9.74 8.05 37.42
C SER B 138 9.46 7.80 38.90
N ASN B 139 9.10 6.56 39.22
CA ASN B 139 8.86 6.14 40.60
C ASN B 139 10.04 5.37 41.19
N ASN B 140 11.23 5.58 40.63
CA ASN B 140 12.46 5.00 41.13
C ASN B 140 12.58 3.50 40.96
N ILE B 141 11.86 2.95 39.98
CA ILE B 141 11.95 1.54 39.67
C ILE B 141 12.81 1.36 38.43
N GLU B 142 13.97 0.74 38.64
CA GLU B 142 14.93 0.51 37.57
C GLU B 142 15.20 -0.97 37.47
N PRO B 143 15.90 -1.40 36.43
CA PRO B 143 16.26 -2.83 36.40
C PRO B 143 16.94 -3.21 37.71
N GLY B 144 16.47 -4.28 38.35
CA GLY B 144 17.03 -4.71 39.62
C GLY B 144 16.17 -4.29 40.81
N SER B 145 15.33 -3.29 40.61
CA SER B 145 14.45 -2.84 41.68
C SER B 145 13.34 -3.85 41.90
N LYS B 146 12.93 -3.99 43.16
CA LYS B 146 11.69 -4.70 43.44
C LYS B 146 10.59 -4.01 42.63
N GLY B 147 9.82 -4.80 41.89
CA GLY B 147 8.70 -4.26 41.14
C GLY B 147 9.01 -3.86 39.71
N TYR B 148 10.26 -4.07 39.29
CA TYR B 148 10.65 -3.78 37.91
C TYR B 148 10.11 -4.79 36.93
N THR B 149 9.55 -4.30 35.81
CA THR B 149 9.22 -5.15 34.68
C THR B 149 9.98 -4.63 33.46
N ASP B 150 10.61 -5.52 32.72
CA ASP B 150 11.18 -5.14 31.44
C ASP B 150 10.06 -5.09 30.43
N TYR B 151 9.55 -3.90 30.15
CA TYR B 151 8.38 -3.77 29.27
C TYR B 151 8.70 -3.96 27.80
N PHE B 152 9.96 -3.80 27.41
CA PHE B 152 10.31 -3.82 25.99
C PHE B 152 10.44 -5.22 25.41
N LEU B 153 9.32 -5.90 25.26
CA LEU B 153 9.30 -7.23 24.69
C LEU B 153 9.66 -7.15 23.22
N PRO B 154 10.46 -8.10 22.73
N PRO B 154 10.45 -8.10 22.72
CA PRO B 154 10.69 -8.15 21.28
CA PRO B 154 10.71 -8.16 21.28
C PRO B 154 9.38 -8.40 20.55
C PRO B 154 9.42 -8.45 20.51
N ILE B 155 9.21 -7.74 19.41
CA ILE B 155 8.01 -7.89 18.60
C ILE B 155 8.33 -8.60 17.29
N VAL B 156 7.61 -9.69 17.02
CA VAL B 156 7.75 -10.40 15.74
C VAL B 156 6.54 -10.08 14.88
N ALA B 157 6.79 -9.54 13.68
CA ALA B 157 5.74 -8.94 12.85
C ALA B 157 5.54 -9.60 11.49
N ASP B 158 4.28 -9.65 11.06
CA ASP B 158 3.85 -10.28 9.82
C ASP B 158 4.01 -9.31 8.64
N ALA B 159 4.90 -9.63 7.70
CA ALA B 159 5.10 -8.83 6.48
C ALA B 159 4.42 -9.42 5.25
N GLU B 160 3.58 -10.43 5.49
N GLU B 160 3.51 -10.38 5.47
CA GLU B 160 2.85 -11.11 4.41
CA GLU B 160 2.81 -11.03 4.37
C GLU B 160 3.81 -11.63 3.35
C GLU B 160 3.84 -11.55 3.37
N ALA B 161 3.62 -11.26 2.09
CA ALA B 161 4.60 -11.59 1.05
C ALA B 161 5.29 -10.35 0.51
N GLY B 162 5.33 -9.29 1.31
CA GLY B 162 6.06 -8.08 0.95
C GLY B 162 5.33 -7.07 0.07
N PHE B 163 4.05 -7.31 -0.20
CA PHE B 163 3.23 -6.32 -0.93
C PHE B 163 3.77 -5.93 -2.30
N GLY B 164 4.19 -6.93 -3.07
CA GLY B 164 4.54 -6.70 -4.46
C GLY B 164 5.85 -7.37 -4.83
N GLY B 165 6.83 -6.57 -5.23
CA GLY B 165 8.09 -7.09 -5.70
C GLY B 165 9.18 -6.98 -4.65
N VAL B 166 10.42 -7.24 -5.06
CA VAL B 166 11.52 -7.23 -4.10
C VAL B 166 11.71 -5.87 -3.45
N LEU B 167 11.44 -4.79 -4.18
CA LEU B 167 11.60 -3.47 -3.58
C LEU B 167 10.51 -3.17 -2.56
N ASN B 168 9.31 -3.70 -2.78
CA ASN B 168 8.25 -3.53 -1.79
C ASN B 168 8.64 -4.26 -0.50
N ALA B 169 9.24 -5.44 -0.64
CA ALA B 169 9.67 -6.21 0.52
C ALA B 169 10.79 -5.49 1.26
N PHE B 170 11.74 -4.96 0.50
CA PHE B 170 12.85 -4.17 1.00
C PHE B 170 12.35 -2.98 1.82
N GLU B 171 11.41 -2.22 1.26
CA GLU B 171 10.86 -1.06 1.96
C GLU B 171 10.07 -1.45 3.20
N LEU B 172 9.28 -2.52 3.10
CA LEU B 172 8.48 -2.95 4.24
C LEU B 172 9.39 -3.40 5.38
N MSE B 173 10.45 -4.13 5.05
CA MSE B 173 11.40 -4.56 6.06
C MSE B 173 12.01 -3.34 6.79
O MSE B 173 12.08 -3.31 8.01
CB MSE B 173 12.51 -5.40 5.45
CG MSE B 173 13.48 -5.95 6.48
SE MSE B 173 12.65 -7.24 7.71
CE MSE B 173 14.23 -8.23 8.22
N LYS B 174 12.44 -2.35 6.03
CA LYS B 174 12.96 -1.12 6.64
C LYS B 174 11.92 -0.48 7.54
N ALA B 175 10.67 -0.41 7.08
CA ALA B 175 9.63 0.20 7.91
C ALA B 175 9.37 -0.57 9.21
N MSE B 176 9.45 -1.91 9.15
CA MSE B 176 9.30 -2.74 10.34
C MSE B 176 10.40 -2.41 11.35
O MSE B 176 10.13 -2.26 12.55
CB MSE B 176 9.42 -4.23 9.97
CG MSE B 176 8.25 -4.77 9.13
SE MSE B 176 6.57 -4.79 10.12
CE MSE B 176 5.69 -6.14 9.04
N ILE B 177 11.62 -2.29 10.86
CA ILE B 177 12.78 -2.03 11.70
C ILE B 177 12.69 -0.64 12.31
N GLU B 178 12.32 0.34 11.50
CA GLU B 178 12.20 1.71 12.00
C GLU B 178 11.12 1.84 13.08
N ALA B 179 10.05 1.06 12.96
CA ALA B 179 9.00 1.05 13.97
C ALA B 179 9.44 0.30 15.23
N GLY B 180 10.44 -0.56 15.09
CA GLY B 180 11.00 -1.24 16.24
C GLY B 180 10.70 -2.72 16.35
N ALA B 181 10.45 -3.39 15.23
CA ALA B 181 10.25 -4.84 15.24
C ALA B 181 11.57 -5.54 15.49
N ALA B 182 11.50 -6.67 16.19
CA ALA B 182 12.67 -7.50 16.50
C ALA B 182 12.83 -8.63 15.49
N GLY B 183 11.71 -9.02 14.87
CA GLY B 183 11.71 -10.08 13.89
C GLY B 183 10.57 -9.86 12.91
N VAL B 184 10.71 -10.42 11.72
CA VAL B 184 9.73 -10.22 10.65
C VAL B 184 9.59 -11.50 9.84
N HIS B 185 8.36 -11.86 9.48
CA HIS B 185 8.15 -13.03 8.63
C HIS B 185 7.57 -12.74 7.24
N PHE B 186 8.05 -13.49 6.25
CA PHE B 186 7.59 -13.38 4.87
C PHE B 186 7.14 -14.76 4.41
N GLU B 187 6.10 -14.82 3.57
CA GLU B 187 5.57 -16.10 3.09
C GLU B 187 5.60 -16.24 1.58
N ASP B 188 5.43 -17.47 1.11
CA ASP B 188 5.60 -17.80 -0.30
C ASP B 188 4.29 -18.00 -1.08
N GLN B 189 3.18 -17.54 -0.53
CA GLN B 189 1.93 -17.54 -1.26
C GLN B 189 1.66 -16.17 -1.84
N LEU B 190 0.83 -16.12 -2.87
CA LEU B 190 0.44 -14.87 -3.49
C LEU B 190 -1.04 -14.61 -3.23
N ALA B 191 -1.33 -13.80 -2.22
CA ALA B 191 -2.71 -13.58 -1.81
C ALA B 191 -3.54 -13.00 -2.95
N ALA B 192 -2.92 -12.20 -3.79
CA ALA B 192 -3.64 -11.49 -4.84
C ALA B 192 -4.44 -12.39 -5.77
N VAL B 193 -3.99 -13.63 -5.94
CA VAL B 193 -4.63 -14.55 -6.88
C VAL B 193 -5.23 -15.77 -6.22
N LYS B 194 -5.40 -15.71 -4.90
CA LYS B 194 -6.05 -16.79 -4.17
C LYS B 194 -7.32 -17.20 -4.92
N LYS B 195 -7.38 -18.47 -5.30
CA LYS B 195 -8.44 -18.95 -6.19
C LYS B 195 -9.72 -19.32 -5.43
N CYS B 196 -10.86 -18.90 -5.97
CA CYS B 196 -12.15 -19.23 -5.38
C CYS B 196 -12.66 -20.59 -5.86
N GLY B 200 -10.72 -23.86 -5.40
CA GLY B 200 -9.56 -22.98 -5.41
C GLY B 200 -8.60 -23.24 -4.25
N GLY B 201 -8.01 -22.17 -3.73
CA GLY B 201 -7.07 -22.27 -2.63
C GLY B 201 -5.89 -21.33 -2.77
N LYS B 202 -4.90 -21.48 -1.90
CA LYS B 202 -3.70 -20.66 -1.94
C LYS B 202 -2.83 -20.97 -3.15
N VAL B 203 -2.06 -19.97 -3.58
CA VAL B 203 -1.19 -20.12 -4.73
C VAL B 203 0.24 -19.74 -4.37
N LEU B 204 1.16 -20.67 -4.59
CA LEU B 204 2.58 -20.45 -4.33
C LEU B 204 3.27 -19.70 -5.46
N VAL B 205 4.35 -19.00 -5.12
CA VAL B 205 5.28 -18.49 -6.10
C VAL B 205 6.43 -19.48 -6.21
N PRO B 206 7.22 -19.40 -7.30
CA PRO B 206 8.39 -20.28 -7.41
C PRO B 206 9.33 -20.09 -6.24
N THR B 207 10.03 -21.16 -5.88
CA THR B 207 10.95 -21.13 -4.76
C THR B 207 11.96 -19.97 -4.90
N GLN B 208 12.48 -19.77 -6.11
CA GLN B 208 13.48 -18.74 -6.35
C GLN B 208 12.92 -17.33 -6.05
N GLU B 209 11.65 -17.12 -6.32
N GLU B 209 11.65 -17.12 -6.34
CA GLU B 209 11.04 -15.82 -6.04
CA GLU B 209 11.00 -15.85 -6.05
C GLU B 209 10.82 -15.60 -4.55
C GLU B 209 10.89 -15.62 -4.55
N ALA B 210 10.48 -16.66 -3.83
CA ALA B 210 10.36 -16.57 -2.38
C ALA B 210 11.73 -16.29 -1.75
N ILE B 211 12.77 -16.95 -2.25
CA ILE B 211 14.12 -16.70 -1.77
C ILE B 211 14.54 -15.24 -2.01
N GLN B 212 14.22 -14.71 -3.19
N GLN B 212 14.20 -14.72 -3.19
CA GLN B 212 14.53 -13.32 -3.51
CA GLN B 212 14.53 -13.32 -3.51
C GLN B 212 13.91 -12.34 -2.53
C GLN B 212 13.91 -12.34 -2.51
N LYS B 213 12.70 -12.65 -2.05
CA LYS B 213 12.05 -11.83 -1.04
C LYS B 213 12.82 -11.90 0.29
N LEU B 214 13.29 -13.09 0.66
CA LEU B 214 14.12 -13.24 1.86
C LEU B 214 15.43 -12.44 1.73
N VAL B 215 16.04 -12.51 0.56
CA VAL B 215 17.26 -11.75 0.29
C VAL B 215 17.00 -10.25 0.41
N ALA B 216 15.89 -9.78 -0.16
CA ALA B 216 15.51 -8.37 -0.10
C ALA B 216 15.39 -7.92 1.34
N ALA B 217 14.74 -8.75 2.17
CA ALA B 217 14.54 -8.44 3.57
C ALA B 217 15.86 -8.39 4.33
N ARG B 218 16.69 -9.41 4.16
CA ARG B 218 17.99 -9.42 4.84
C ARG B 218 18.80 -8.20 4.42
N LEU B 219 18.73 -7.85 3.14
CA LEU B 219 19.50 -6.69 2.64
C LEU B 219 19.06 -5.42 3.34
N ALA B 220 17.75 -5.21 3.44
CA ALA B 220 17.22 -4.06 4.16
C ALA B 220 17.78 -3.98 5.58
N ALA B 221 17.74 -5.10 6.30
CA ALA B 221 18.25 -5.12 7.68
C ALA B 221 19.75 -4.84 7.74
N ASP B 222 20.49 -5.42 6.80
CA ASP B 222 21.94 -5.20 6.73
C ASP B 222 22.26 -3.74 6.45
N VAL B 223 21.53 -3.14 5.52
CA VAL B 223 21.75 -1.73 5.18
C VAL B 223 21.52 -0.85 6.40
N LEU B 224 20.45 -1.12 7.15
CA LEU B 224 20.17 -0.34 8.36
C LEU B 224 21.11 -0.71 9.51
N GLY B 225 21.73 -1.88 9.41
CA GLY B 225 22.70 -2.31 10.42
C GLY B 225 22.07 -2.92 11.66
N VAL B 226 20.92 -3.58 11.49
CA VAL B 226 20.20 -4.17 12.60
C VAL B 226 20.05 -5.69 12.37
N PRO B 227 20.40 -6.51 13.38
CA PRO B 227 20.37 -7.97 13.23
C PRO B 227 18.98 -8.58 13.45
N THR B 228 17.99 -7.98 12.78
CA THR B 228 16.60 -8.41 12.87
C THR B 228 16.44 -9.90 12.56
N LEU B 229 15.60 -10.59 13.33
CA LEU B 229 15.28 -11.98 13.04
C LEU B 229 14.43 -12.06 11.77
N LEU B 230 14.79 -12.97 10.88
CA LEU B 230 14.06 -13.17 9.65
C LEU B 230 13.47 -14.57 9.66
N ILE B 231 12.16 -14.64 9.51
CA ILE B 231 11.42 -15.90 9.54
C ILE B 231 10.83 -16.18 8.16
N ALA B 232 11.13 -17.37 7.62
CA ALA B 232 10.60 -17.80 6.35
C ALA B 232 9.42 -18.74 6.54
N ARG B 233 8.24 -18.29 6.11
CA ARG B 233 7.04 -19.10 6.16
C ARG B 233 6.77 -19.75 4.82
N THR B 234 6.42 -21.03 4.83
CA THR B 234 5.90 -21.67 3.63
C THR B 234 4.44 -22.05 3.79
N ASP B 235 3.67 -21.82 2.73
CA ASP B 235 2.28 -22.20 2.67
C ASP B 235 2.08 -23.47 1.84
N ALA B 236 3.18 -24.19 1.59
CA ALA B 236 3.16 -25.35 0.70
C ALA B 236 2.44 -26.58 1.26
N ASP B 237 2.14 -26.60 2.56
CA ASP B 237 1.40 -27.73 3.10
C ASP B 237 0.00 -27.82 2.47
N ALA B 238 -0.64 -26.68 2.25
CA ALA B 238 -2.01 -26.66 1.74
C ALA B 238 -2.13 -26.16 0.29
N ALA B 239 -1.19 -25.33 -0.13
CA ALA B 239 -1.24 -24.75 -1.47
C ALA B 239 -0.96 -25.78 -2.56
N ASP B 240 -1.93 -25.98 -3.45
CA ASP B 240 -1.76 -26.93 -4.54
C ASP B 240 -1.76 -26.23 -5.90
N LEU B 241 -1.44 -24.93 -5.90
CA LEU B 241 -1.30 -24.15 -7.12
C LEU B 241 0.00 -23.37 -7.07
N LEU B 242 0.57 -23.13 -8.25
CA LEU B 242 1.87 -22.48 -8.39
C LEU B 242 1.79 -21.52 -9.57
N THR B 243 2.26 -20.29 -9.39
CA THR B 243 2.11 -19.28 -10.44
C THR B 243 2.89 -19.59 -11.71
N SER B 244 4.06 -20.19 -11.55
CA SER B 244 4.97 -20.41 -12.67
C SER B 244 5.86 -21.62 -12.43
N ASP B 245 6.25 -22.30 -13.51
CA ASP B 245 7.11 -23.46 -13.44
C ASP B 245 8.56 -23.11 -13.73
N CYS B 246 8.91 -21.83 -13.61
CA CYS B 246 10.23 -21.36 -14.02
C CYS B 246 11.39 -21.86 -13.16
N ASP B 247 11.12 -22.28 -11.93
CA ASP B 247 12.18 -22.81 -11.07
C ASP B 247 12.24 -24.34 -11.13
N PRO B 248 13.32 -24.88 -11.69
CA PRO B 248 13.47 -26.34 -11.81
C PRO B 248 13.40 -27.05 -10.44
N TYR B 249 13.67 -26.30 -9.37
CA TYR B 249 13.61 -26.86 -8.02
C TYR B 249 12.20 -27.36 -7.67
N ASP B 250 11.19 -26.73 -8.26
CA ASP B 250 9.79 -27.03 -7.96
C ASP B 250 9.24 -28.14 -8.83
N ARG B 251 10.03 -28.58 -9.80
CA ARG B 251 9.59 -29.53 -10.82
C ARG B 251 8.85 -30.76 -10.30
N GLU B 252 9.42 -31.41 -9.28
CA GLU B 252 8.90 -32.68 -8.80
C GLU B 252 7.47 -32.61 -8.28
N PHE B 253 7.02 -31.41 -7.91
CA PHE B 253 5.69 -31.26 -7.30
C PHE B 253 4.63 -30.89 -8.32
N ILE B 254 5.07 -30.48 -9.51
CA ILE B 254 4.16 -30.05 -10.56
C ILE B 254 3.52 -31.27 -11.24
N THR B 255 2.21 -31.23 -11.44
CA THR B 255 1.51 -32.39 -12.00
C THR B 255 1.39 -32.32 -13.52
N GLY B 256 1.57 -31.14 -14.09
CA GLY B 256 1.42 -30.97 -15.52
C GLY B 256 0.13 -30.24 -15.88
N ASP B 257 -0.91 -30.49 -15.11
CA ASP B 257 -2.20 -29.84 -15.31
C ASP B 257 -2.12 -28.34 -15.02
N ARG B 258 -2.80 -27.55 -15.84
CA ARG B 258 -2.82 -26.10 -15.67
C ARG B 258 -4.26 -25.57 -15.60
N THR B 259 -4.46 -24.55 -14.77
CA THR B 259 -5.80 -23.99 -14.59
C THR B 259 -6.14 -23.00 -15.68
N ALA B 260 -7.39 -22.56 -15.71
CA ALA B 260 -7.84 -21.55 -16.66
C ALA B 260 -6.98 -20.30 -16.57
N GLU B 261 -6.57 -19.95 -15.36
CA GLU B 261 -5.76 -18.77 -15.11
C GLU B 261 -4.33 -18.93 -15.64
N GLY B 262 -3.90 -20.18 -15.81
CA GLY B 262 -2.54 -20.46 -16.25
C GLY B 262 -1.66 -20.99 -15.13
N PHE B 263 -2.21 -21.17 -13.95
CA PHE B 263 -1.44 -21.69 -12.82
C PHE B 263 -1.06 -23.15 -13.05
N PHE B 264 -0.02 -23.59 -12.34
CA PHE B 264 0.37 -24.99 -12.37
C PHE B 264 -0.17 -25.70 -11.12
N ARG B 265 -0.85 -26.82 -11.32
CA ARG B 265 -1.28 -27.64 -10.19
C ARG B 265 -0.08 -28.35 -9.60
N THR B 266 -0.04 -28.45 -8.28
CA THR B 266 1.05 -29.14 -7.60
C THR B 266 0.51 -30.14 -6.57
N ARG B 267 1.39 -31.03 -6.12
CA ARG B 267 1.05 -31.98 -5.08
C ARG B 267 1.32 -31.36 -3.72
N ALA B 268 0.28 -30.79 -3.12
CA ALA B 268 0.42 -30.12 -1.82
C ALA B 268 0.62 -31.14 -0.71
N GLY B 269 1.21 -30.69 0.39
CA GLY B 269 1.38 -31.55 1.54
C GLY B 269 2.75 -31.43 2.17
N ILE B 270 3.03 -32.32 3.11
CA ILE B 270 4.23 -32.21 3.92
C ILE B 270 5.51 -32.23 3.07
N GLU B 271 5.53 -33.01 1.99
CA GLU B 271 6.73 -33.07 1.16
C GLU B 271 7.02 -31.75 0.44
N GLN B 272 5.99 -31.12 -0.11
CA GLN B 272 6.17 -29.80 -0.72
C GLN B 272 6.63 -28.78 0.33
N ALA B 273 6.03 -28.83 1.51
CA ALA B 273 6.43 -27.94 2.61
C ALA B 273 7.91 -28.14 2.98
N ILE B 274 8.33 -29.40 3.07
CA ILE B 274 9.72 -29.71 3.38
C ILE B 274 10.64 -29.14 2.32
N SER B 275 10.27 -29.32 1.05
N SER B 275 10.28 -29.29 1.05
CA SER B 275 11.06 -28.77 -0.05
CA SER B 275 11.12 -28.76 -0.03
C SER B 275 11.29 -27.27 0.14
C SER B 275 11.31 -27.24 0.11
N ARG B 276 10.22 -26.53 0.43
CA ARG B 276 10.32 -25.09 0.60
C ARG B 276 11.14 -24.74 1.84
N GLY B 277 10.88 -25.44 2.94
CA GLY B 277 11.61 -25.21 4.17
C GLY B 277 13.11 -25.39 4.01
N LEU B 278 13.50 -26.47 3.33
CA LEU B 278 14.92 -26.71 3.09
C LEU B 278 15.52 -25.61 2.22
N ALA B 279 14.76 -25.14 1.24
CA ALA B 279 15.24 -24.10 0.33
C ALA B 279 15.41 -22.75 1.04
N TYR B 280 14.52 -22.44 1.98
CA TYR B 280 14.58 -21.15 2.65
C TYR B 280 15.56 -21.13 3.82
N ALA B 281 15.88 -22.31 4.35
CA ALA B 281 16.69 -22.40 5.57
C ALA B 281 18.00 -21.59 5.53
N PRO B 282 18.76 -21.65 4.43
CA PRO B 282 20.02 -20.89 4.39
C PRO B 282 19.83 -19.38 4.40
N TYR B 283 18.61 -18.90 4.17
N TYR B 283 18.59 -18.93 4.16
CA TYR B 283 18.43 -17.45 4.08
CA TYR B 283 18.26 -17.52 3.97
C TYR B 283 17.82 -16.86 5.35
C TYR B 283 17.31 -16.95 5.03
N ALA B 284 17.14 -17.68 6.12
CA ALA B 284 16.32 -17.21 7.23
C ALA B 284 16.80 -17.74 8.57
N ASP B 285 16.51 -17.01 9.64
CA ASP B 285 16.88 -17.42 10.99
C ASP B 285 15.96 -18.49 11.55
N LEU B 286 14.69 -18.45 11.16
CA LEU B 286 13.74 -19.51 11.50
C LEU B 286 12.94 -19.89 10.28
N VAL B 287 12.51 -21.14 10.20
N VAL B 287 12.49 -21.13 10.23
CA VAL B 287 11.59 -21.53 9.16
CA VAL B 287 11.61 -21.59 9.17
C VAL B 287 10.28 -21.98 9.79
C VAL B 287 10.29 -22.08 9.76
N TRP B 288 9.20 -21.81 9.06
CA TRP B 288 7.86 -22.04 9.59
C TRP B 288 6.99 -22.69 8.51
N CYS B 289 6.42 -23.84 8.84
CA CYS B 289 5.45 -24.49 7.97
C CYS B 289 4.05 -24.14 8.44
N GLU B 290 3.36 -23.28 7.70
CA GLU B 290 2.03 -22.86 8.10
C GLU B 290 1.13 -24.08 8.19
N THR B 291 0.43 -24.22 9.32
N THR B 291 0.41 -24.18 9.31
CA THR B 291 -0.42 -25.39 9.53
CA THR B 291 -0.42 -25.35 9.60
C THR B 291 -1.81 -24.99 9.99
C THR B 291 -1.83 -24.91 9.94
N SER B 292 -2.82 -25.60 9.37
CA SER B 292 -4.21 -25.33 9.72
C SER B 292 -4.71 -26.36 10.72
N THR B 293 -4.06 -27.50 10.75
CA THR B 293 -4.45 -28.59 11.63
C THR B 293 -3.29 -28.99 12.52
N PRO B 294 -3.36 -28.65 13.81
CA PRO B 294 -2.32 -29.06 14.76
C PRO B 294 -2.13 -30.57 14.70
N ASP B 295 -0.91 -30.99 14.37
CA ASP B 295 -0.63 -32.41 14.17
C ASP B 295 0.83 -32.66 14.50
N LEU B 296 1.07 -33.27 15.67
CA LEU B 296 2.44 -33.52 16.12
C LEU B 296 3.21 -34.42 15.17
N ALA B 297 2.53 -35.39 14.56
CA ALA B 297 3.18 -36.31 13.63
C ALA B 297 3.74 -35.56 12.42
N LEU B 298 2.96 -34.65 11.85
CA LEU B 298 3.42 -33.87 10.71
C LEU B 298 4.50 -32.88 11.12
N ALA B 299 4.34 -32.29 12.31
CA ALA B 299 5.35 -31.37 12.82
C ALA B 299 6.68 -32.08 12.97
N LYS B 300 6.63 -33.34 13.42
CA LYS B 300 7.83 -34.14 13.58
C LYS B 300 8.47 -34.43 12.22
N ARG B 301 7.64 -34.73 11.22
CA ARG B 301 8.15 -34.98 9.87
C ARG B 301 8.88 -33.76 9.31
N PHE B 302 8.28 -32.59 9.45
CA PHE B 302 8.88 -31.37 8.94
C PHE B 302 10.19 -31.08 9.66
N ALA B 303 10.16 -31.15 10.99
CA ALA B 303 11.35 -30.87 11.80
C ALA B 303 12.47 -31.86 11.50
N ASP B 304 12.12 -33.15 11.44
CA ASP B 304 13.11 -34.19 11.13
C ASP B 304 13.82 -33.91 9.82
N ALA B 305 13.05 -33.56 8.79
CA ALA B 305 13.60 -33.37 7.45
C ALA B 305 14.52 -32.15 7.42
N VAL B 306 14.08 -31.06 8.05
CA VAL B 306 14.88 -29.85 8.06
C VAL B 306 16.18 -30.09 8.84
N HIS B 307 16.06 -30.71 10.00
CA HIS B 307 17.21 -30.92 10.87
C HIS B 307 18.23 -31.94 10.33
N ALA B 308 17.79 -32.81 9.42
CA ALA B 308 18.70 -33.75 8.80
C ALA B 308 19.74 -33.01 7.96
N GLN B 309 19.33 -31.88 7.36
N GLN B 309 19.34 -31.87 7.38
CA GLN B 309 20.23 -31.09 6.54
CA GLN B 309 20.21 -31.09 6.53
C GLN B 309 20.78 -29.88 7.29
C GLN B 309 20.72 -29.82 7.20
N PHE B 310 19.96 -29.35 8.19
CA PHE B 310 20.32 -28.14 8.93
C PHE B 310 20.18 -28.38 10.44
N PRO B 311 21.14 -29.12 11.01
CA PRO B 311 21.05 -29.46 12.43
C PRO B 311 20.84 -28.22 13.30
N GLY B 312 19.87 -28.28 14.21
CA GLY B 312 19.64 -27.21 15.16
C GLY B 312 18.86 -26.02 14.65
N LYS B 313 18.44 -26.06 13.39
CA LYS B 313 17.72 -24.93 12.82
C LYS B 313 16.53 -24.55 13.69
N LEU B 314 16.39 -23.28 14.02
CA LEU B 314 15.24 -22.81 14.78
C LEU B 314 13.97 -22.89 13.93
N LEU B 315 12.90 -23.45 14.52
CA LEU B 315 11.62 -23.57 13.83
C LEU B 315 10.53 -22.77 14.55
N ALA B 316 9.57 -22.28 13.78
CA ALA B 316 8.41 -21.61 14.35
C ALA B 316 7.16 -22.41 14.06
N TYR B 317 6.12 -22.22 14.88
CA TYR B 317 4.90 -23.00 14.71
C TYR B 317 3.68 -22.16 15.09
N ASN B 318 2.68 -22.10 14.19
CA ASN B 318 1.42 -21.43 14.50
C ASN B 318 0.40 -22.41 15.06
N CYS B 319 -0.14 -22.09 16.24
CA CYS B 319 -1.14 -22.92 16.89
C CYS B 319 -2.52 -22.37 16.57
N SER B 320 -3.29 -23.13 15.81
CA SER B 320 -4.56 -22.65 15.27
C SER B 320 -5.57 -22.25 16.34
N PRO B 321 -6.14 -21.02 16.22
CA PRO B 321 -7.21 -20.59 17.11
C PRO B 321 -8.60 -21.10 16.70
N SER B 322 -8.73 -21.72 15.53
CA SER B 322 -10.04 -22.14 15.04
C SER B 322 -10.23 -23.65 15.08
N PHE B 323 -9.13 -24.38 15.08
CA PHE B 323 -9.16 -25.84 15.21
C PHE B 323 -9.90 -26.17 16.50
N ASN B 324 -10.79 -27.15 16.46
CA ASN B 324 -11.53 -27.53 17.66
C ASN B 324 -10.71 -28.46 18.54
N TRP B 325 -9.89 -27.86 19.40
CA TRP B 325 -8.93 -28.61 20.21
C TRP B 325 -9.59 -29.69 21.06
N LYS B 326 -10.62 -29.32 21.81
CA LYS B 326 -11.23 -30.25 22.75
C LYS B 326 -11.89 -31.44 22.05
N LYS B 327 -12.45 -31.20 20.88
CA LYS B 327 -13.15 -32.24 20.13
C LYS B 327 -12.18 -33.27 19.56
N ASN B 328 -10.98 -32.81 19.18
CA ASN B 328 -10.04 -33.63 18.42
C ASN B 328 -8.85 -34.16 19.21
N LEU B 329 -8.58 -33.57 20.37
CA LEU B 329 -7.47 -33.99 21.21
C LEU B 329 -7.95 -34.16 22.65
N THR B 330 -7.25 -35.01 23.41
CA THR B 330 -7.52 -35.14 24.83
C THR B 330 -7.04 -33.89 25.57
N ASP B 331 -7.60 -33.65 26.75
CA ASP B 331 -7.15 -32.53 27.57
C ASP B 331 -5.65 -32.62 27.82
N GLN B 332 -5.16 -33.84 27.99
CA GLN B 332 -3.75 -34.08 28.25
C GLN B 332 -2.90 -33.66 27.06
N GLN B 333 -3.32 -34.04 25.86
CA GLN B 333 -2.63 -33.63 24.63
C GLN B 333 -2.66 -32.11 24.43
N ILE B 334 -3.79 -31.50 24.75
CA ILE B 334 -3.92 -30.04 24.62
C ILE B 334 -2.94 -29.34 25.55
N ALA B 335 -2.86 -29.82 26.78
CA ALA B 335 -2.01 -29.19 27.79
C ALA B 335 -0.52 -29.34 27.47
N SER B 336 -0.14 -30.44 26.83
CA SER B 336 1.27 -30.71 26.58
C SER B 336 1.73 -30.30 25.18
N PHE B 337 0.81 -29.80 24.36
CA PHE B 337 1.06 -29.58 22.95
C PHE B 337 2.28 -28.71 22.66
N GLN B 338 2.34 -27.53 23.27
CA GLN B 338 3.44 -26.61 23.03
C GLN B 338 4.77 -27.16 23.55
N ASP B 339 4.71 -27.87 24.68
CA ASP B 339 5.91 -28.49 25.23
C ASP B 339 6.47 -29.55 24.29
N GLU B 340 5.58 -30.32 23.69
CA GLU B 340 6.01 -31.37 22.77
C GLU B 340 6.60 -30.78 21.48
N LEU B 341 6.03 -29.68 21.02
CA LEU B 341 6.59 -28.98 19.87
C LEU B 341 8.01 -28.50 20.18
N SER B 342 8.20 -27.98 21.39
CA SER B 342 9.50 -27.47 21.80
C SER B 342 10.58 -28.56 21.69
N ALA B 343 10.25 -29.77 22.12
CA ALA B 343 11.19 -30.88 22.07
C ALA B 343 11.63 -31.19 20.64
N MSE B 344 10.81 -30.80 19.67
CA MSE B 344 11.12 -31.03 18.27
C MSE B 344 11.90 -29.87 17.65
O MSE B 344 12.30 -29.93 16.49
CB MSE B 344 9.84 -31.22 17.46
CG MSE B 344 9.01 -32.41 17.89
SE MSE B 344 7.40 -32.45 16.81
CE MSE B 344 6.44 -33.87 17.74
N GLY B 345 12.12 -28.81 18.42
CA GLY B 345 12.88 -27.67 17.93
C GLY B 345 12.05 -26.47 17.51
N TYR B 346 10.75 -26.50 17.78
CA TYR B 346 9.88 -25.36 17.53
C TYR B 346 10.00 -24.42 18.72
N LYS B 347 10.84 -23.41 18.58
CA LYS B 347 11.22 -22.55 19.71
C LYS B 347 10.46 -21.22 19.73
N TYR B 348 9.78 -20.91 18.63
CA TYR B 348 8.90 -19.75 18.58
C TYR B 348 7.50 -20.19 18.17
N GLN B 349 6.58 -20.13 19.12
CA GLN B 349 5.21 -20.62 18.92
C GLN B 349 4.24 -19.50 19.21
N PHE B 350 3.11 -19.49 18.50
CA PHE B 350 2.17 -18.38 18.65
C PHE B 350 0.75 -18.75 18.25
N ILE B 351 -0.22 -18.13 18.90
CA ILE B 351 -1.60 -18.17 18.45
C ILE B 351 -1.86 -16.84 17.76
N THR B 352 -1.94 -16.87 16.44
CA THR B 352 -2.02 -15.64 15.64
C THR B 352 -3.16 -14.71 16.05
N LEU B 353 -4.35 -15.26 16.26
CA LEU B 353 -5.55 -14.47 16.46
C LEU B 353 -6.02 -14.39 17.90
N ALA B 354 -5.12 -14.66 18.85
CA ALA B 354 -5.54 -14.72 20.25
C ALA B 354 -6.08 -13.37 20.72
N GLY B 355 -5.43 -12.28 20.32
CA GLY B 355 -5.81 -10.96 20.80
C GLY B 355 -7.18 -10.53 20.30
N ILE B 356 -7.48 -10.82 19.04
CA ILE B 356 -8.74 -10.36 18.48
C ILE B 356 -9.90 -11.20 19.03
N HIS B 357 -9.67 -12.50 19.23
CA HIS B 357 -10.69 -13.34 19.85
C HIS B 357 -10.91 -12.92 21.31
N SER B 358 -9.82 -12.67 22.03
CA SER B 358 -9.92 -12.18 23.41
C SER B 358 -10.76 -10.92 23.48
N MSE B 359 -10.42 -9.96 22.62
CA MSE B 359 -11.09 -8.67 22.62
C MSE B 359 -12.54 -8.77 22.16
O MSE B 359 -13.46 -8.27 22.81
CB MSE B 359 -10.33 -7.69 21.73
CG MSE B 359 -10.98 -6.32 21.66
SE MSE B 359 -10.41 -5.29 20.11
CE MSE B 359 -8.48 -5.38 20.37
N TRP B 360 -12.77 -9.42 21.02
CA TRP B 360 -14.10 -9.46 20.44
C TRP B 360 -15.08 -10.31 21.26
N PHE B 361 -14.62 -11.47 21.74
CA PHE B 361 -15.51 -12.31 22.54
C PHE B 361 -15.95 -11.60 23.81
N ASN B 362 -14.99 -11.06 24.54
CA ASN B 362 -15.31 -10.46 25.83
C ASN B 362 -16.14 -9.19 25.69
N MSE B 363 -15.96 -8.46 24.59
CA MSE B 363 -16.82 -7.32 24.33
C MSE B 363 -18.26 -7.78 24.12
O MSE B 363 -19.19 -7.22 24.70
CB MSE B 363 -16.34 -6.52 23.11
CG MSE B 363 -17.12 -5.23 22.87
SE MSE B 363 -16.58 -3.74 24.03
CE MSE B 363 -17.85 -4.03 25.46
N PHE B 364 -18.44 -8.80 23.28
CA PHE B 364 -19.77 -9.39 23.06
C PHE B 364 -20.37 -9.87 24.38
N ASP B 365 -19.59 -10.61 25.13
CA ASP B 365 -20.05 -11.23 26.36
C ASP B 365 -20.61 -10.19 27.34
N LEU B 366 -19.85 -9.11 27.54
CA LEU B 366 -20.32 -8.05 28.41
C LEU B 366 -21.54 -7.34 27.80
N ALA B 367 -21.43 -6.98 26.53
CA ALA B 367 -22.49 -6.21 25.86
C ALA B 367 -23.84 -6.94 25.83
N HIS B 368 -23.81 -8.26 25.62
CA HIS B 368 -25.05 -9.02 25.48
C HIS B 368 -25.86 -8.99 26.79
N ALA B 369 -25.19 -9.16 27.92
CA ALA B 369 -25.87 -9.13 29.21
C ALA B 369 -26.30 -7.70 29.54
N TYR B 370 -25.40 -6.76 29.31
CA TYR B 370 -25.63 -5.34 29.63
C TYR B 370 -26.83 -4.78 28.86
N ALA B 371 -26.98 -5.18 27.60
CA ALA B 371 -28.08 -4.68 26.78
C ALA B 371 -29.45 -5.15 27.28
N GLN B 372 -29.48 -6.26 27.99
CA GLN B 372 -30.73 -6.83 28.49
C GLN B 372 -31.27 -6.09 29.71
N GLY B 373 -30.39 -5.37 30.39
CA GLY B 373 -30.76 -4.70 31.62
C GLY B 373 -29.82 -5.05 32.77
N GLU B 374 -30.13 -4.55 33.95
CA GLU B 374 -29.27 -4.72 35.12
C GLU B 374 -27.82 -4.46 34.76
N GLY B 375 -27.60 -3.40 33.99
CA GLY B 375 -26.31 -3.12 33.38
C GLY B 375 -25.11 -3.14 34.32
N MSE B 376 -25.23 -2.47 35.46
CA MSE B 376 -24.09 -2.36 36.36
C MSE B 376 -23.77 -3.68 37.04
O MSE B 376 -22.61 -3.95 37.37
CB MSE B 376 -24.32 -1.26 37.42
CG MSE B 376 -24.50 0.15 36.81
SE MSE B 376 -23.25 0.57 35.35
CE MSE B 376 -21.57 0.15 36.25
N LYS B 377 -24.77 -4.52 37.24
CA LYS B 377 -24.53 -5.84 37.80
C LYS B 377 -23.56 -6.60 36.89
N HIS B 378 -23.81 -6.50 35.59
CA HIS B 378 -23.00 -7.24 34.64
C HIS B 378 -21.60 -6.66 34.51
N TYR B 379 -21.47 -5.34 34.57
CA TYR B 379 -20.15 -4.75 34.53
C TYR B 379 -19.35 -5.17 35.76
N VAL B 380 -20.00 -5.13 36.92
CA VAL B 380 -19.34 -5.51 38.17
C VAL B 380 -18.94 -6.99 38.16
N GLU B 381 -19.84 -7.86 37.73
CA GLU B 381 -19.58 -9.29 37.75
C GLU B 381 -18.57 -9.74 36.70
N LYS B 382 -18.60 -9.13 35.52
CA LYS B 382 -17.77 -9.61 34.42
C LYS B 382 -16.43 -8.89 34.33
N VAL B 383 -16.37 -7.66 34.84
CA VAL B 383 -15.17 -6.85 34.68
C VAL B 383 -14.57 -6.40 36.02
N GLN B 384 -15.31 -5.61 36.79
CA GLN B 384 -14.70 -4.98 37.96
C GLN B 384 -14.23 -5.97 39.01
N GLN B 385 -15.08 -6.91 39.38
CA GLN B 385 -14.70 -7.88 40.42
C GLN B 385 -13.57 -8.83 39.96
N PRO B 386 -13.64 -9.31 38.71
CA PRO B 386 -12.52 -10.12 38.21
C PRO B 386 -11.19 -9.34 38.19
N GLU B 387 -11.24 -8.05 37.85
CA GLU B 387 -10.05 -7.22 37.95
C GLU B 387 -9.49 -7.20 39.38
N PHE B 388 -10.35 -6.92 40.34
CA PHE B 388 -9.94 -6.89 41.74
C PHE B 388 -9.27 -8.22 42.12
N ALA B 389 -9.81 -9.32 41.62
CA ALA B 389 -9.31 -10.64 41.99
C ALA B 389 -7.97 -10.98 41.35
N SER B 390 -7.54 -10.16 40.39
CA SER B 390 -6.28 -10.40 39.69
C SER B 390 -5.13 -9.51 40.16
N VAL B 391 -5.37 -8.73 41.21
N VAL B 391 -5.37 -8.71 41.18
CA VAL B 391 -4.34 -7.84 41.74
CA VAL B 391 -4.32 -7.85 41.70
C VAL B 391 -3.11 -8.61 42.22
C VAL B 391 -3.09 -8.66 42.13
N ASP B 392 -3.33 -9.79 42.79
CA ASP B 392 -2.23 -10.63 43.27
C ASP B 392 -1.45 -11.30 42.13
N ARG B 393 -2.03 -11.29 40.93
CA ARG B 393 -1.38 -11.85 39.75
C ARG B 393 -0.53 -10.81 39.02
N GLY B 394 -0.57 -9.56 39.49
CA GLY B 394 0.18 -8.50 38.85
C GLY B 394 -0.62 -7.54 37.98
N TYR B 395 -1.95 -7.71 37.96
CA TYR B 395 -2.79 -6.79 37.20
C TYR B 395 -2.92 -5.47 37.94
N THR B 396 -2.61 -4.38 37.25
CA THR B 396 -2.58 -3.07 37.89
C THR B 396 -3.59 -2.06 37.35
N PHE B 397 -4.34 -2.44 36.31
CA PHE B 397 -5.18 -1.46 35.61
C PHE B 397 -6.45 -1.04 36.36
N ALA B 398 -6.78 -1.72 37.45
CA ALA B 398 -7.83 -1.21 38.32
C ALA B 398 -7.43 0.20 38.78
N SER B 399 -6.14 0.41 38.96
CA SER B 399 -5.60 1.76 39.17
C SER B 399 -5.39 2.39 37.80
N HIS B 400 -6.49 2.83 37.20
CA HIS B 400 -6.53 3.12 35.77
C HIS B 400 -5.79 4.40 35.39
N GLN B 401 -5.77 5.37 36.29
CA GLN B 401 -5.11 6.64 35.99
C GLN B 401 -3.59 6.50 35.94
N GLN B 402 -3.01 5.80 36.90
CA GLN B 402 -1.56 5.61 36.89
C GLN B 402 -1.13 4.80 35.68
N GLU B 403 -1.95 3.84 35.30
CA GLU B 403 -1.59 2.89 34.25
C GLU B 403 -1.25 3.59 32.93
N VAL B 404 -1.97 4.66 32.63
CA VAL B 404 -1.83 5.33 31.32
C VAL B 404 -0.95 6.58 31.39
N GLY B 405 -0.35 6.85 32.56
CA GLY B 405 0.63 7.91 32.66
C GLY B 405 0.18 9.18 33.37
N THR B 406 -0.95 9.13 34.07
CA THR B 406 -1.41 10.30 34.82
C THR B 406 -0.37 10.77 35.84
N GLY B 407 0.22 9.84 36.58
CA GLY B 407 1.23 10.18 37.56
C GLY B 407 2.49 10.72 36.89
N TYR B 408 2.87 10.12 35.76
CA TYR B 408 4.04 10.56 35.03
C TYR B 408 3.89 12.02 34.56
N PHE B 409 2.76 12.32 33.92
CA PHE B 409 2.54 13.68 33.42
C PHE B 409 2.31 14.70 34.54
N ASP B 410 1.77 14.24 35.67
N ASP B 410 1.76 14.23 35.66
CA ASP B 410 1.69 15.10 36.85
CA ASP B 410 1.66 15.05 36.87
C ASP B 410 3.09 15.51 37.28
C ASP B 410 3.07 15.49 37.31
N LYS B 411 4.02 14.56 37.24
CA LYS B 411 5.41 14.87 37.58
C LYS B 411 6.01 15.85 36.59
N VAL B 412 5.70 15.68 35.30
CA VAL B 412 6.18 16.61 34.28
C VAL B 412 5.65 18.02 34.57
N THR B 413 4.35 18.12 34.82
CA THR B 413 3.74 19.41 35.13
C THR B 413 4.38 20.08 36.33
N ASN B 414 4.60 19.31 37.39
N ASN B 414 4.57 19.31 37.40
CA ASN B 414 5.17 19.83 38.61
CA ASN B 414 5.20 19.83 38.62
C ASN B 414 6.61 20.30 38.43
C ASN B 414 6.61 20.34 38.37
N ILE B 415 7.37 19.60 37.58
CA ILE B 415 8.75 19.98 37.29
C ILE B 415 8.81 21.28 36.49
N ILE B 416 7.95 21.38 35.48
CA ILE B 416 7.87 22.60 34.69
C ILE B 416 7.50 23.80 35.57
N GLN B 417 6.52 23.62 36.44
CA GLN B 417 5.97 24.74 37.22
C GLN B 417 6.80 25.09 38.45
N GLY B 418 7.72 24.20 38.83
CA GLY B 418 8.55 24.43 39.99
C GLY B 418 7.76 24.43 41.28
#